data_5IZO
#
_entry.id   5IZO
#
_cell.length_a   50.652
_cell.length_b   119.644
_cell.length_c   124.135
_cell.angle_alpha   90.00
_cell.angle_beta   91.59
_cell.angle_gamma   90.00
#
_symmetry.space_group_name_H-M   'P 1 21 1'
#
loop_
_entity.id
_entity.type
_entity.pdbx_description
1 polymer 'Bifunctional oligoribonuclease and PAP phosphatase NrnA'
2 non-polymer 'MANGANESE (II) ION'
3 non-polymer 'PHOSPHATE ION'
4 water water
#
_entity_poly.entity_id   1
_entity_poly.type   'polypeptide(L)'
_entity_poly.pdbx_seq_one_letter_code
;MGSSHHHHHHENLYFQSMASMKTELIRTISLYDTIILHRHVRPDPDAYGSQCGLTEILRETYPEKNIFAVGTPEPSLSFL
YSLDEVDNETYEGALVIVCDTANQERIDDQRYPSGAKLMKIDAHPNEDPYGDLLWVDTSASSVSEMIYELYLEGKEHGWK
LNTKAAELIYAGIVGDTGRFLFPNTTEKTLKYAGELIQYPFSSSELFNQLYETKLNVVKLNGFIFQNVSLSENGAASVFI
KKDTLEKFGTTASEASQLVGTLGNISGIRAWVFFVEEDDQIRVRFRSKGPVINGLARKYNGGGHPLASGASIYSWDEADR
ILADLETLCKEHE
;
_entity_poly.pdbx_strand_id   A,B,C,D
#
loop_
_chem_comp.id
_chem_comp.type
_chem_comp.name
_chem_comp.formula
MN non-polymer 'MANGANESE (II) ION' 'Mn 2'
PO4 non-polymer 'PHOSPHATE ION' 'O4 P -3'
#
# COMPACT_ATOMS: atom_id res chain seq x y z
N PHE A 15 4.60 -8.48 0.94
CA PHE A 15 5.65 -9.23 0.26
C PHE A 15 6.49 -10.03 1.21
N GLN A 16 7.44 -9.31 1.79
CA GLN A 16 8.37 -9.82 2.77
C GLN A 16 7.87 -9.21 4.07
N SER A 17 7.62 -10.06 5.12
CA SER A 17 7.04 -9.47 6.29
C SER A 17 7.74 -8.14 6.51
N MET A 18 9.00 -8.03 6.08
CA MET A 18 9.75 -6.80 6.23
C MET A 18 9.21 -5.66 5.34
N ALA A 19 8.97 -5.98 4.08
CA ALA A 19 8.45 -5.03 3.10
C ALA A 19 7.14 -4.38 3.64
N SER A 20 6.33 -5.18 4.31
CA SER A 20 5.06 -4.70 4.87
C SER A 20 5.30 -3.70 5.99
N MET A 21 6.13 -4.13 7.06
CA MET A 21 6.56 -3.21 8.17
C MET A 21 7.09 -1.87 7.57
N LYS A 22 7.99 -1.90 6.60
CA LYS A 22 8.56 -0.61 6.15
C LYS A 22 7.50 0.26 5.49
N THR A 23 6.60 -0.40 4.74
CA THR A 23 5.52 0.37 4.05
C THR A 23 4.60 1.03 5.04
N GLU A 24 4.33 0.35 6.16
CA GLU A 24 3.52 0.91 7.25
C GLU A 24 4.12 2.19 7.84
N LEU A 25 5.46 2.22 7.96
CA LEU A 25 6.15 3.42 8.49
C LEU A 25 6.04 4.51 7.46
N ILE A 26 6.21 4.13 6.18
CA ILE A 26 6.06 5.08 5.05
C ILE A 26 4.66 5.63 5.01
N ARG A 27 3.65 4.79 5.13
CA ARG A 27 2.27 5.24 5.15
C ARG A 27 2.03 6.22 6.27
N THR A 28 2.40 5.86 7.49
CA THR A 28 2.28 6.75 8.67
C THR A 28 2.99 8.08 8.47
N ILE A 29 4.25 8.05 8.01
CA ILE A 29 4.95 9.31 7.66
C ILE A 29 4.14 10.16 6.68
N SER A 30 3.56 9.58 5.62
CA SER A 30 2.73 10.40 4.66
C SER A 30 1.52 11.04 5.30
N LEU A 31 1.00 10.43 6.35
CA LEU A 31 -0.24 10.94 6.99
C LEU A 31 -0.15 12.23 7.86
N TYR A 32 1.01 12.48 8.47
CA TYR A 32 1.17 13.54 9.44
C TYR A 32 1.89 14.72 8.84
N ASP A 33 1.33 15.93 9.02
CA ASP A 33 1.86 17.18 8.46
C ASP A 33 3.09 17.66 9.16
N THR A 34 3.19 17.30 10.45
CA THR A 34 4.34 17.68 11.28
C THR A 34 5.03 16.45 11.78
N ILE A 35 6.32 16.41 11.50
CA ILE A 35 7.18 15.28 11.90
C ILE A 35 8.43 15.80 12.66
N ILE A 36 8.68 15.26 13.85
CA ILE A 36 9.76 15.73 14.66
C ILE A 36 10.61 14.51 14.92
N LEU A 37 11.91 14.65 14.71
CA LEU A 37 12.83 13.48 14.79
C LEU A 37 13.87 13.69 15.90
N HIS A 38 14.14 12.68 16.71
CA HIS A 38 15.09 12.73 17.81
C HIS A 38 16.13 11.61 17.74
N ARG A 39 17.14 11.63 18.59
CA ARG A 39 18.18 10.63 18.62
C ARG A 39 18.67 10.58 20.06
N HIS A 40 19.71 9.80 20.39
CA HIS A 40 20.23 9.67 21.74
C HIS A 40 21.22 10.75 22.14
N VAL A 41 21.25 11.09 23.43
CA VAL A 41 22.17 12.09 23.94
C VAL A 41 23.61 11.64 23.74
N ARG A 42 24.51 12.59 23.47
CA ARG A 42 25.91 12.26 23.26
C ARG A 42 25.84 11.52 21.94
N PRO A 43 25.47 12.27 20.90
CA PRO A 43 25.26 11.71 19.55
C PRO A 43 26.55 11.40 18.86
N ASP A 44 26.48 10.48 17.92
CA ASP A 44 27.65 9.97 17.24
C ASP A 44 27.28 10.06 15.75
N PRO A 45 28.21 9.70 14.82
CA PRO A 45 27.84 9.79 13.39
C PRO A 45 26.53 9.08 13.02
N ASP A 46 26.32 7.87 13.53
CA ASP A 46 25.10 7.14 13.20
C ASP A 46 23.85 7.95 13.56
N ALA A 47 23.88 8.61 14.72
CA ALA A 47 22.75 9.43 15.14
C ALA A 47 22.49 10.48 14.07
N TYR A 48 23.51 11.30 13.82
CA TYR A 48 23.44 12.35 12.80
C TYR A 48 23.13 11.80 11.41
N GLY A 49 23.42 10.52 11.19
CA GLY A 49 23.15 9.94 9.88
C GLY A 49 21.70 9.56 9.64
N SER A 50 21.11 8.96 10.66
CA SER A 50 19.76 8.44 10.68
C SER A 50 18.78 9.58 10.95
N GLN A 51 18.85 10.17 12.14
CA GLN A 51 17.93 11.26 12.46
C GLN A 51 17.89 12.30 11.34
N CYS A 52 19.07 12.81 11.00
CA CYS A 52 19.20 13.82 9.95
C CYS A 52 19.12 13.25 8.53
N GLY A 53 19.71 12.10 8.26
CA GLY A 53 19.49 11.46 6.94
C GLY A 53 17.98 11.37 6.60
N LEU A 54 17.18 10.78 7.49
CA LEU A 54 15.72 10.76 7.29
C LEU A 54 15.08 12.14 7.20
N THR A 55 15.52 13.07 8.05
CA THR A 55 14.98 14.43 8.04
C THR A 55 15.17 15.04 6.65
N GLU A 56 16.37 14.88 6.12
CA GLU A 56 16.67 15.38 4.77
C GLU A 56 15.84 14.71 3.64
N ILE A 57 15.75 13.40 3.68
CA ILE A 57 14.82 12.65 2.79
C ILE A 57 13.37 13.20 2.86
N LEU A 58 12.87 13.44 4.07
CA LEU A 58 11.51 13.90 4.19
C LEU A 58 11.38 15.37 3.74
N ARG A 59 12.40 16.19 3.96
CA ARG A 59 12.34 17.58 3.49
C ARG A 59 12.26 17.69 1.99
N GLU A 60 13.11 16.92 1.30
CA GLU A 60 13.12 16.81 -0.15
C GLU A 60 11.85 16.14 -0.72
N THR A 61 11.42 15.01 -0.15
CA THR A 61 10.18 14.36 -0.57
C THR A 61 8.87 15.11 -0.30
N TYR A 62 8.76 15.75 0.88
CA TYR A 62 7.53 16.40 1.28
C TYR A 62 7.75 17.89 1.68
N PRO A 63 8.01 18.77 0.70
CA PRO A 63 8.17 20.23 0.93
C PRO A 63 7.04 20.89 1.69
N GLU A 64 5.85 20.33 1.56
CA GLU A 64 4.67 20.90 2.15
C GLU A 64 4.55 20.53 3.64
N LYS A 65 5.31 19.56 4.10
CA LYS A 65 5.18 19.21 5.50
C LYS A 65 6.10 20.11 6.33
N ASN A 66 6.04 19.93 7.64
CA ASN A 66 6.89 20.68 8.56
C ASN A 66 7.74 19.65 9.23
N ILE A 67 9.01 19.58 8.86
CA ILE A 67 9.88 18.55 9.41
C ILE A 67 10.97 19.21 10.25
N PHE A 68 11.27 18.61 11.42
CA PHE A 68 12.23 19.15 12.38
C PHE A 68 13.07 18.04 12.97
N ALA A 69 14.35 18.33 13.12
CA ALA A 69 15.26 17.49 13.90
C ALA A 69 15.68 18.28 15.16
N VAL A 70 15.42 17.71 16.32
CA VAL A 70 15.69 18.38 17.59
C VAL A 70 16.80 17.68 18.40
N GLY A 71 17.14 18.26 19.54
CA GLY A 71 18.29 17.81 20.28
C GLY A 71 19.42 18.83 20.45
N THR A 72 20.38 18.48 21.30
CA THR A 72 21.58 19.29 21.49
C THR A 72 22.71 18.82 20.58
N PRO A 73 23.23 19.74 19.75
CA PRO A 73 24.38 19.51 18.84
C PRO A 73 25.64 18.97 19.53
N GLU A 74 26.35 18.06 18.87
CA GLU A 74 27.72 17.72 19.25
C GLU A 74 28.58 18.64 18.36
N PRO A 75 29.53 19.39 18.99
CA PRO A 75 30.27 20.39 18.15
C PRO A 75 31.12 19.77 17.04
N SER A 76 31.76 18.63 17.31
CA SER A 76 32.59 17.95 16.31
C SER A 76 31.77 17.37 15.14
N LEU A 77 30.47 17.20 15.34
CA LEU A 77 29.58 16.71 14.30
C LEU A 77 28.72 17.74 13.54
N SER A 78 28.73 18.99 13.98
CA SER A 78 27.90 20.05 13.37
C SER A 78 27.98 20.14 11.85
N PHE A 79 29.19 20.12 11.32
CA PHE A 79 29.39 20.23 9.87
C PHE A 79 28.36 19.37 9.08
N LEU A 80 27.98 18.20 9.65
CA LEU A 80 26.95 17.31 9.04
C LEU A 80 25.61 18.00 8.80
N TYR A 81 25.12 18.74 9.79
CA TYR A 81 23.77 19.21 9.76
C TYR A 81 23.57 20.03 10.99
N SER A 82 22.74 21.07 10.89
CA SER A 82 22.31 21.75 12.08
C SER A 82 20.84 21.47 12.51
N LEU A 83 20.56 21.58 13.82
CA LEU A 83 19.31 21.12 14.41
C LEU A 83 18.34 22.29 14.61
N ASP A 84 17.09 21.98 14.94
CA ASP A 84 16.03 22.95 15.01
C ASP A 84 15.67 23.12 16.47
N GLU A 85 15.19 24.30 16.82
CA GLU A 85 14.66 24.47 18.18
C GLU A 85 13.17 24.67 17.94
N VAL A 86 12.40 23.92 18.71
CA VAL A 86 10.96 23.78 18.49
C VAL A 86 10.15 24.08 19.77
N ASP A 87 9.05 24.81 19.62
CA ASP A 87 8.08 25.01 20.72
C ASP A 87 7.44 23.73 21.17
N ASN A 88 7.04 23.70 22.44
CA ASN A 88 6.12 22.64 22.88
C ASN A 88 4.86 22.49 21.98
N GLU A 89 4.30 23.61 21.49
CA GLU A 89 3.00 23.62 20.80
C GLU A 89 3.05 22.84 19.48
N THR A 90 4.23 22.83 18.86
CA THR A 90 4.47 22.19 17.56
C THR A 90 4.39 20.64 17.64
N TYR A 91 4.40 20.10 18.84
CA TYR A 91 4.32 18.66 19.02
C TYR A 91 2.89 18.10 18.96
N GLU A 92 1.93 19.00 19.01
CA GLU A 92 0.51 18.70 19.03
C GLU A 92 0.05 18.08 17.76
N GLY A 93 -0.48 16.87 17.83
CA GLY A 93 -0.85 16.13 16.63
C GLY A 93 0.32 15.69 15.76
N ALA A 94 1.56 15.91 16.21
CA ALA A 94 2.74 15.65 15.38
C ALA A 94 3.12 14.16 15.43
N LEU A 95 3.74 13.67 14.36
CA LEU A 95 4.42 12.37 14.38
C LEU A 95 5.83 12.57 14.92
N VAL A 96 6.23 11.71 15.85
CA VAL A 96 7.59 11.82 16.37
C VAL A 96 8.32 10.55 16.02
N ILE A 97 9.55 10.66 15.51
CA ILE A 97 10.37 9.48 15.13
C ILE A 97 11.68 9.54 15.90
N VAL A 98 12.08 8.44 16.51
CA VAL A 98 13.25 8.52 17.29
C VAL A 98 14.18 7.47 16.71
N CYS A 99 15.42 7.82 16.38
CA CYS A 99 16.38 6.83 15.85
C CYS A 99 17.55 6.43 16.73
N ASP A 100 18.04 5.21 16.56
CA ASP A 100 19.32 4.87 17.21
C ASP A 100 19.34 5.00 18.76
N THR A 101 18.19 4.90 19.41
CA THR A 101 18.19 5.02 20.90
C THR A 101 17.50 3.85 21.56
N ALA A 102 18.31 2.94 22.11
CA ALA A 102 17.74 1.82 22.83
C ALA A 102 16.84 2.16 24.02
N ASN A 103 17.14 3.22 24.77
CA ASN A 103 16.38 3.58 25.97
C ASN A 103 15.74 4.93 26.02
N GLN A 104 14.46 4.96 26.36
CA GLN A 104 13.71 6.21 26.47
C GLN A 104 14.37 7.28 27.35
N GLU A 105 15.10 6.88 28.39
CA GLU A 105 15.74 7.88 29.29
C GLU A 105 17.01 8.50 28.67
N ARG A 106 17.51 7.93 27.56
CA ARG A 106 18.67 8.45 26.84
C ARG A 106 18.26 9.26 25.60
N ILE A 107 16.97 9.30 25.28
CA ILE A 107 16.51 10.16 24.16
C ILE A 107 16.86 11.60 24.42
N ASP A 108 17.49 12.28 23.45
CA ASP A 108 17.74 13.75 23.49
C ASP A 108 16.51 14.54 23.08
N ASP A 109 16.07 15.35 24.04
CA ASP A 109 14.86 16.16 24.03
C ASP A 109 13.74 15.21 24.42
N GLN A 110 13.29 15.33 25.66
CA GLN A 110 12.27 14.44 26.22
C GLN A 110 10.79 14.70 25.92
N ARG A 111 10.44 15.57 24.99
CA ARG A 111 9.02 15.76 24.72
C ARG A 111 8.63 14.81 23.60
N TYR A 112 9.39 13.76 23.44
CA TYR A 112 9.26 12.74 22.41
C TYR A 112 7.92 12.02 22.40
N PRO A 113 7.32 11.80 23.57
CA PRO A 113 6.02 11.09 23.59
C PRO A 113 4.82 12.00 23.67
N SER A 114 4.98 13.29 23.40
CA SER A 114 3.87 14.23 23.49
C SER A 114 3.24 14.51 22.16
N GLY A 115 3.69 13.79 21.12
CA GLY A 115 3.08 13.93 19.80
C GLY A 115 1.77 13.15 19.68
N ALA A 116 1.16 13.10 18.50
CA ALA A 116 0.00 12.21 18.28
C ALA A 116 0.47 10.77 18.19
N LYS A 117 1.69 10.55 17.69
CA LYS A 117 2.21 9.18 17.49
C LYS A 117 3.70 9.11 17.74
N LEU A 118 4.22 7.95 18.10
CA LEU A 118 5.62 7.79 18.31
C LEU A 118 6.16 6.57 17.52
N MET A 119 7.29 6.73 16.80
CA MET A 119 7.87 5.66 15.95
C MET A 119 9.32 5.32 16.36
N LYS A 120 9.60 4.09 16.70
CA LYS A 120 10.97 3.73 17.09
C LYS A 120 11.64 3.07 15.92
N ILE A 121 12.82 3.54 15.52
CA ILE A 121 13.66 2.91 14.49
C ILE A 121 15.06 2.64 15.08
N ASP A 122 15.46 1.37 15.17
CA ASP A 122 16.65 1.16 15.95
C ASP A 122 17.26 -0.20 15.59
N ALA A 123 18.55 -0.34 15.88
CA ALA A 123 19.31 -1.51 15.61
C ALA A 123 19.87 -2.11 16.88
N HIS A 124 19.56 -1.54 18.05
CA HIS A 124 20.01 -2.17 19.35
C HIS A 124 18.95 -3.16 19.85
N PRO A 125 19.31 -4.07 20.74
CA PRO A 125 18.22 -4.89 21.24
C PRO A 125 16.98 -4.10 21.79
N ASN A 126 15.80 -4.70 21.59
CA ASN A 126 14.54 -4.05 21.91
C ASN A 126 14.14 -4.29 23.38
N GLU A 127 15.00 -3.90 24.32
CA GLU A 127 14.78 -4.10 25.78
C GLU A 127 13.80 -3.09 26.32
N ASP A 128 13.56 -2.01 25.59
CA ASP A 128 12.64 -0.95 25.97
C ASP A 128 11.84 -0.72 24.70
N PRO A 129 10.86 -1.59 24.52
CA PRO A 129 10.00 -1.63 23.33
C PRO A 129 8.98 -0.51 23.31
N TYR A 130 9.45 0.71 23.16
CA TYR A 130 8.60 1.88 23.14
C TYR A 130 8.11 2.25 21.77
N GLY A 131 7.04 3.04 21.69
CA GLY A 131 6.50 3.50 20.43
C GLY A 131 5.20 2.89 19.92
N ASP A 132 4.44 3.68 19.15
CA ASP A 132 3.19 3.21 18.58
C ASP A 132 3.54 2.27 17.42
N LEU A 133 4.64 2.59 16.74
CA LEU A 133 5.16 1.80 15.63
C LEU A 133 6.63 1.55 15.91
N LEU A 134 7.09 0.33 15.65
CA LEU A 134 8.47 0.02 15.90
C LEU A 134 9.06 -0.81 14.80
N TRP A 135 10.26 -0.47 14.40
CA TRP A 135 11.06 -1.24 13.46
C TRP A 135 12.43 -1.36 14.11
N VAL A 136 12.72 -2.52 14.68
CA VAL A 136 13.99 -2.71 15.38
C VAL A 136 14.68 -3.98 14.90
N ASP A 137 15.75 -3.82 14.12
CA ASP A 137 16.49 -4.96 13.60
C ASP A 137 17.93 -4.98 14.11
N THR A 138 18.28 -6.00 14.92
CA THR A 138 19.64 -6.06 15.43
C THR A 138 20.64 -6.57 14.39
N SER A 139 20.16 -6.93 13.20
CA SER A 139 21.06 -7.40 12.14
C SER A 139 21.58 -6.26 11.30
N ALA A 140 20.98 -5.08 11.45
CA ALA A 140 21.50 -3.90 10.77
C ALA A 140 22.85 -3.48 11.39
N SER A 141 23.76 -2.97 10.57
CA SER A 141 25.06 -2.42 11.08
C SER A 141 24.83 -1.09 11.85
N SER A 142 23.74 -0.38 11.51
CA SER A 142 23.55 0.93 12.06
C SER A 142 22.12 1.41 11.72
N VAL A 143 21.66 2.41 12.42
CA VAL A 143 20.33 2.94 12.02
C VAL A 143 20.37 3.61 10.66
N SER A 144 21.52 4.19 10.31
CA SER A 144 21.66 4.88 8.99
C SER A 144 21.40 3.94 7.84
N GLU A 145 21.91 2.71 7.95
CA GLU A 145 21.65 1.65 7.03
C GLU A 145 20.14 1.30 6.96
N MET A 146 19.49 1.16 8.14
CA MET A 146 18.04 0.99 8.21
C MET A 146 17.32 2.09 7.42
N ILE A 147 17.82 3.31 7.52
CA ILE A 147 17.14 4.47 6.83
C ILE A 147 17.33 4.39 5.31
N TYR A 148 18.48 3.89 4.86
CA TYR A 148 18.70 3.76 3.42
C TYR A 148 17.71 2.74 2.92
N GLU A 149 17.68 1.58 3.56
CA GLU A 149 16.65 0.52 3.32
C GLU A 149 15.18 1.08 3.28
N LEU A 150 14.85 1.89 4.26
CA LEU A 150 13.50 2.48 4.33
C LEU A 150 13.30 3.33 3.05
N TYR A 151 14.35 4.01 2.66
CA TYR A 151 14.33 4.79 1.44
C TYR A 151 14.02 3.94 0.20
N LEU A 152 14.71 2.83 0.08
CA LEU A 152 14.57 2.00 -1.06
C LEU A 152 13.07 1.65 -1.24
N GLU A 153 12.40 1.35 -0.15
CA GLU A 153 10.98 1.01 -0.18
C GLU A 153 10.17 2.27 -0.47
N GLY A 154 10.67 3.40 0.02
CA GLY A 154 9.98 4.69 -0.20
C GLY A 154 10.10 5.19 -1.63
N LYS A 155 11.08 4.64 -2.37
CA LYS A 155 11.23 4.96 -3.79
C LYS A 155 9.90 4.77 -4.53
N GLU A 156 9.26 3.63 -4.31
CA GLU A 156 8.00 3.32 -4.95
C GLU A 156 6.95 4.33 -4.56
N HIS A 157 7.14 4.94 -3.41
CA HIS A 157 6.16 5.84 -2.83
C HIS A 157 6.52 7.29 -3.03
N GLY A 158 7.53 7.58 -3.85
CA GLY A 158 7.89 8.97 -4.21
C GLY A 158 8.98 9.68 -3.38
N TRP A 159 9.66 8.89 -2.55
CA TRP A 159 10.77 9.37 -1.76
C TRP A 159 11.98 9.66 -2.62
N LYS A 160 12.66 10.75 -2.24
CA LYS A 160 13.80 11.27 -2.97
C LYS A 160 15.00 11.34 -2.03
N LEU A 161 16.15 10.82 -2.48
CA LEU A 161 17.41 10.92 -1.78
C LEU A 161 18.28 11.98 -2.51
N ASN A 162 18.62 13.07 -1.85
CA ASN A 162 19.53 14.02 -2.45
C ASN A 162 20.98 13.83 -1.93
N THR A 163 21.88 14.69 -2.37
CA THR A 163 23.29 14.56 -2.04
C THR A 163 23.55 14.68 -0.53
N LYS A 164 22.88 15.62 0.10
CA LYS A 164 23.01 15.87 1.52
C LYS A 164 22.60 14.63 2.30
N ALA A 165 21.42 14.11 1.99
CA ALA A 165 20.94 12.93 2.65
C ALA A 165 21.89 11.75 2.42
N ALA A 166 22.42 11.58 1.20
CA ALA A 166 23.36 10.48 0.93
C ALA A 166 24.57 10.54 1.79
N GLU A 167 25.11 11.76 1.90
CA GLU A 167 26.33 12.00 2.69
C GLU A 167 26.08 11.66 4.18
N LEU A 168 24.97 12.17 4.72
CA LEU A 168 24.54 11.81 6.09
C LEU A 168 24.51 10.31 6.41
N ILE A 169 23.84 9.53 5.54
CA ILE A 169 23.63 8.13 5.75
C ILE A 169 24.99 7.45 5.65
N TYR A 170 25.78 7.91 4.70
CA TYR A 170 27.08 7.28 4.51
C TYR A 170 27.99 7.53 5.71
N ALA A 171 27.91 8.75 6.24
CA ALA A 171 28.71 9.10 7.43
C ALA A 171 28.30 8.23 8.62
N GLY A 172 26.98 7.99 8.74
CA GLY A 172 26.46 7.15 9.84
C GLY A 172 26.90 5.70 9.75
N ILE A 173 26.92 5.16 8.53
CA ILE A 173 27.35 3.77 8.34
C ILE A 173 28.88 3.66 8.65
N VAL A 174 29.66 4.63 8.17
CA VAL A 174 31.12 4.51 8.42
C VAL A 174 31.43 4.77 9.88
N GLY A 175 30.60 5.61 10.49
CA GLY A 175 30.72 5.87 11.92
C GLY A 175 30.47 4.63 12.78
N ASP A 176 29.43 3.85 12.52
CA ASP A 176 29.14 2.67 13.35
C ASP A 176 29.93 1.42 13.05
N THR A 177 30.54 1.33 11.87
CA THR A 177 31.34 0.16 11.45
C THR A 177 32.87 0.43 11.49
N GLY A 178 33.24 1.67 11.82
CA GLY A 178 34.65 2.05 11.87
C GLY A 178 35.24 1.92 10.47
N ARG A 179 34.58 2.59 9.52
CA ARG A 179 34.77 2.43 8.06
C ARG A 179 34.98 0.95 7.62
N PHE A 180 33.93 0.13 7.87
CA PHE A 180 33.80 -1.27 7.43
C PHE A 180 34.86 -2.14 8.06
N LEU A 181 35.26 -1.79 9.27
CA LEU A 181 36.24 -2.53 10.05
C LEU A 181 35.56 -3.49 11.04
N PHE A 182 34.48 -3.04 11.68
CA PHE A 182 33.95 -3.93 12.74
C PHE A 182 33.07 -5.09 12.22
N PRO A 183 32.87 -6.11 13.07
CA PRO A 183 32.07 -7.23 12.57
C PRO A 183 30.53 -6.96 12.46
N ASN A 184 30.02 -5.78 12.79
CA ASN A 184 28.62 -5.48 12.43
C ASN A 184 28.44 -5.08 10.93
N THR A 185 29.53 -5.06 10.16
CA THR A 185 29.47 -4.84 8.71
C THR A 185 28.84 -6.07 8.02
N THR A 186 27.79 -5.86 7.24
CA THR A 186 27.22 -6.98 6.46
C THR A 186 27.26 -6.69 4.95
N GLU A 187 26.79 -7.65 4.17
CA GLU A 187 26.57 -7.46 2.72
C GLU A 187 25.79 -6.21 2.42
N LYS A 188 24.67 -6.03 3.13
CA LYS A 188 23.78 -4.93 2.94
C LYS A 188 24.54 -3.62 3.21
N THR A 189 25.33 -3.62 4.29
CA THR A 189 26.11 -2.45 4.65
C THR A 189 27.00 -1.98 3.48
N LEU A 190 27.75 -2.93 2.94
CA LEU A 190 28.69 -2.67 1.81
C LEU A 190 27.99 -2.33 0.48
N LYS A 191 26.92 -3.05 0.15
CA LYS A 191 26.15 -2.77 -1.05
C LYS A 191 25.48 -1.39 -0.97
N TYR A 192 25.02 -1.03 0.22
CA TYR A 192 24.37 0.24 0.39
C TYR A 192 25.39 1.40 0.25
N ALA A 193 26.55 1.20 0.89
CA ALA A 193 27.68 2.11 0.79
C ALA A 193 28.03 2.38 -0.70
N GLY A 194 28.08 1.29 -1.50
CA GLY A 194 28.25 1.31 -2.97
C GLY A 194 27.33 2.32 -3.66
N GLU A 195 26.04 2.27 -3.28
CA GLU A 195 25.05 3.10 -3.92
C GLU A 195 25.20 4.56 -3.49
N LEU A 196 25.42 4.76 -2.19
CA LEU A 196 25.66 6.04 -1.62
C LEU A 196 26.83 6.88 -2.22
N ILE A 197 27.98 6.25 -2.45
CA ILE A 197 29.15 7.00 -2.95
C ILE A 197 29.02 7.46 -4.42
N GLN A 198 27.93 7.07 -5.09
CA GLN A 198 27.58 7.57 -6.43
C GLN A 198 27.00 8.98 -6.31
N TYR A 199 26.63 9.40 -5.09
CA TYR A 199 26.19 10.83 -4.95
C TYR A 199 27.42 11.74 -4.90
N PRO A 200 27.32 12.96 -5.46
CA PRO A 200 28.53 13.79 -5.54
C PRO A 200 28.83 14.61 -4.31
N PHE A 201 29.07 13.93 -3.19
CA PHE A 201 29.70 14.57 -2.06
C PHE A 201 31.11 14.00 -2.01
N SER A 202 32.02 14.73 -1.39
CA SER A 202 33.36 14.26 -1.31
C SER A 202 33.56 13.36 -0.11
N SER A 203 33.73 12.07 -0.37
CA SER A 203 34.06 11.19 0.72
C SER A 203 35.38 11.58 1.38
N SER A 204 36.30 12.13 0.59
CA SER A 204 37.59 12.55 1.15
C SER A 204 37.42 13.67 2.16
N GLU A 205 36.65 14.70 1.82
CA GLU A 205 36.39 15.77 2.74
C GLU A 205 35.71 15.23 3.99
N LEU A 206 34.78 14.30 3.78
CA LEU A 206 34.02 13.71 4.85
C LEU A 206 34.96 12.99 5.82
N PHE A 207 35.78 12.07 5.30
CA PHE A 207 36.73 11.36 6.16
C PHE A 207 37.74 12.29 6.88
N ASN A 208 38.15 13.36 6.19
CA ASN A 208 39.05 14.35 6.81
C ASN A 208 38.40 15.00 8.01
N GLN A 209 37.13 15.37 7.84
CA GLN A 209 36.34 15.96 8.94
C GLN A 209 36.13 14.91 10.02
N LEU A 210 35.73 13.72 9.67
CA LEU A 210 35.57 12.70 10.73
C LEU A 210 36.85 12.37 11.50
N TYR A 211 38.00 12.44 10.84
CA TYR A 211 39.20 11.92 11.42
C TYR A 211 40.11 12.99 12.03
N GLU A 212 39.83 14.25 11.72
CA GLU A 212 40.55 15.38 12.28
C GLU A 212 40.71 15.28 13.79
N THR A 213 41.97 15.32 14.24
CA THR A 213 42.34 15.21 15.65
C THR A 213 43.26 16.38 16.09
N LYS A 214 42.86 17.06 17.16
CA LYS A 214 43.63 18.18 17.76
C LYS A 214 45.01 17.67 18.11
N LEU A 215 46.00 18.53 17.82
CA LEU A 215 47.40 18.26 18.09
C LEU A 215 47.68 17.71 19.51
N ASN A 216 47.06 18.34 20.51
CA ASN A 216 47.25 17.91 21.92
C ASN A 216 46.84 16.45 22.25
N VAL A 217 45.74 16.01 21.63
CA VAL A 217 45.28 14.60 21.72
C VAL A 217 46.26 13.66 21.03
N VAL A 218 46.67 14.01 19.80
CA VAL A 218 47.78 13.29 19.11
C VAL A 218 49.05 13.10 19.97
N LYS A 219 49.46 14.17 20.60
CA LYS A 219 50.61 14.13 21.47
C LYS A 219 50.35 13.15 22.59
N LEU A 220 49.16 13.22 23.12
CA LEU A 220 48.73 12.32 24.19
C LEU A 220 48.82 10.88 23.71
N ASN A 221 48.20 10.58 22.56
CA ASN A 221 48.22 9.25 21.98
C ASN A 221 49.69 8.83 21.93
N GLY A 222 50.51 9.74 21.43
CA GLY A 222 51.95 9.53 21.32
C GLY A 222 52.40 9.06 22.68
N PHE A 223 52.31 9.92 23.69
CA PHE A 223 52.75 9.54 25.04
C PHE A 223 52.35 8.13 25.38
N ILE A 224 51.08 7.83 25.15
CA ILE A 224 50.56 6.52 25.45
C ILE A 224 51.31 5.43 24.70
N PHE A 225 51.46 5.60 23.40
CA PHE A 225 52.13 4.64 22.55
C PHE A 225 53.54 4.46 23.02
N GLN A 226 54.21 5.59 23.33
CA GLN A 226 55.61 5.55 23.76
C GLN A 226 55.71 4.74 25.07
N ASN A 227 54.75 4.95 25.94
CA ASN A 227 54.83 4.33 27.24
C ASN A 227 54.10 3.02 27.50
N VAL A 228 53.29 2.52 26.56
CA VAL A 228 52.58 1.22 26.79
C VAL A 228 53.60 0.10 27.04
N SER A 229 53.31 -0.83 27.93
CA SER A 229 54.16 -2.02 28.12
C SER A 229 53.34 -3.31 27.96
N LEU A 230 54.01 -4.38 27.53
CA LEU A 230 53.34 -5.67 27.26
C LEU A 230 53.94 -6.82 28.04
N SER A 231 53.13 -7.53 28.81
CA SER A 231 53.60 -8.72 29.49
C SER A 231 53.83 -9.78 28.43
N GLU A 232 54.63 -10.80 28.76
CA GLU A 232 54.82 -11.93 27.85
C GLU A 232 53.50 -12.62 27.51
N ASN A 233 52.44 -12.43 28.29
CA ASN A 233 51.14 -13.03 27.95
C ASN A 233 50.23 -12.07 27.19
N GLY A 234 50.83 -11.04 26.60
CA GLY A 234 50.09 -10.06 25.82
C GLY A 234 49.24 -9.08 26.64
N ALA A 235 49.59 -8.90 27.90
CA ALA A 235 48.87 -7.98 28.77
C ALA A 235 49.43 -6.57 28.63
N ALA A 236 48.57 -5.56 28.60
CA ALA A 236 49.02 -4.19 28.46
C ALA A 236 48.20 -3.23 29.31
N SER A 237 48.86 -2.19 29.82
CA SER A 237 48.20 -1.23 30.67
C SER A 237 48.66 0.21 30.47
N VAL A 238 47.72 1.13 30.58
CA VAL A 238 48.01 2.56 30.44
C VAL A 238 47.35 3.44 31.55
N PHE A 239 48.16 4.08 32.42
CA PHE A 239 47.65 5.01 33.47
C PHE A 239 47.90 6.39 32.89
N ILE A 240 46.92 7.25 33.00
CA ILE A 240 47.07 8.58 32.51
C ILE A 240 46.86 9.41 33.76
N LYS A 241 47.85 9.35 34.64
CA LYS A 241 47.82 10.05 35.93
C LYS A 241 47.48 11.54 35.92
N LYS A 242 47.61 12.17 37.07
CA LYS A 242 47.31 13.59 37.21
C LYS A 242 47.98 14.70 36.41
N ASP A 243 49.31 14.77 36.51
CA ASP A 243 50.13 15.62 35.65
C ASP A 243 49.87 15.42 34.15
N THR A 244 49.75 14.17 33.73
CA THR A 244 49.52 13.85 32.34
C THR A 244 48.37 14.58 31.68
N LEU A 245 47.16 14.46 32.19
CA LEU A 245 46.03 15.17 31.54
C LEU A 245 46.23 16.70 31.46
N GLU A 246 46.94 17.26 32.42
CA GLU A 246 47.34 18.67 32.41
C GLU A 246 48.60 18.92 31.60
N LYS A 247 49.61 18.08 31.72
CA LYS A 247 50.77 18.22 30.86
C LYS A 247 50.25 18.40 29.41
N PHE A 248 49.35 17.52 28.95
CA PHE A 248 48.83 17.56 27.55
C PHE A 248 47.58 18.45 27.29
N GLY A 249 46.92 18.90 28.35
CA GLY A 249 45.79 19.84 28.24
C GLY A 249 44.56 19.23 27.63
N THR A 250 44.32 17.96 27.94
CA THR A 250 43.23 17.18 27.37
C THR A 250 42.23 16.83 28.46
N THR A 251 40.96 16.74 28.10
CA THR A 251 39.89 16.31 29.02
C THR A 251 40.01 14.84 29.50
N ALA A 252 39.06 14.41 30.33
CA ALA A 252 38.81 13.00 30.62
C ALA A 252 38.17 12.31 29.42
N SER A 253 37.25 13.04 28.77
CA SER A 253 36.51 12.54 27.64
C SER A 253 37.41 12.31 26.41
N GLU A 254 38.37 13.20 26.19
CA GLU A 254 39.28 13.08 25.06
C GLU A 254 40.28 11.93 25.24
N ALA A 255 40.77 11.75 26.45
CA ALA A 255 41.74 10.68 26.73
C ALA A 255 41.11 9.32 26.74
N SER A 256 39.95 9.21 27.37
CA SER A 256 39.31 7.90 27.48
C SER A 256 39.05 7.35 26.08
N GLN A 257 38.67 8.25 25.17
CA GLN A 257 38.37 7.94 23.79
C GLN A 257 39.57 7.45 22.96
N LEU A 258 40.76 7.35 23.55
CA LEU A 258 41.96 6.77 22.90
C LEU A 258 42.17 5.31 23.24
N VAL A 259 41.30 4.75 24.05
CA VAL A 259 41.50 3.39 24.43
C VAL A 259 41.57 2.44 23.24
N GLY A 260 40.99 2.83 22.11
CA GLY A 260 40.96 1.85 21.03
C GLY A 260 42.08 2.01 20.00
N THR A 261 43.16 2.62 20.40
CA THR A 261 44.29 2.95 19.53
C THR A 261 45.40 1.92 19.67
N LEU A 262 45.29 1.07 20.67
CA LEU A 262 46.27 0.04 20.93
C LEU A 262 45.98 -1.27 20.18
N GLY A 263 44.91 -1.27 19.40
CA GLY A 263 44.34 -2.48 18.81
C GLY A 263 45.26 -3.33 17.95
N ASN A 264 46.26 -2.71 17.35
CA ASN A 264 47.08 -3.36 16.34
C ASN A 264 48.47 -3.75 16.77
N ILE A 265 48.76 -3.59 18.05
CA ILE A 265 50.07 -3.93 18.55
C ILE A 265 50.30 -5.44 18.41
N SER A 266 51.37 -5.82 17.74
CA SER A 266 51.60 -7.23 17.53
C SER A 266 51.65 -7.90 18.89
N GLY A 267 50.81 -8.91 19.08
CA GLY A 267 50.90 -9.81 20.23
C GLY A 267 50.10 -9.37 21.44
N ILE A 268 49.36 -8.27 21.30
CA ILE A 268 48.44 -7.84 22.31
C ILE A 268 47.14 -8.66 22.32
N ARG A 269 46.64 -8.96 23.52
CA ARG A 269 45.48 -9.84 23.75
C ARG A 269 44.44 -9.00 24.47
N ALA A 270 44.83 -8.47 25.63
C ALA A 270 44.08 -6.08 26.92
N TRP A 271 43.44 -4.94 27.18
CA TRP A 271 44.15 -3.89 27.87
C TRP A 271 43.19 -2.93 28.60
N VAL A 272 43.63 -2.28 29.68
CA VAL A 272 42.72 -1.38 30.37
C VAL A 272 43.21 0.04 30.65
N PHE A 273 42.47 1.03 30.13
CA PHE A 273 42.83 2.43 30.31
CA PHE A 274 42.96 4.19 33.86
C PHE A 274 42.98 5.70 33.57
N VAL A 275 41.97 6.42 34.07
CA VAL A 275 41.92 7.87 33.85
C VAL A 275 41.01 8.53 34.90
N GLU A 276 41.51 9.56 35.61
CA GLU A 276 40.83 10.25 36.69
C GLU A 276 39.97 11.39 36.20
N GLU A 277 38.78 11.51 36.77
CA GLU A 277 37.82 12.55 36.42
C GLU A 277 37.34 13.30 37.66
N ARG A 282 37.78 6.41 36.16
CA ARG A 282 37.24 5.93 34.91
C ARG A 282 37.98 4.72 34.41
N VAL A 283 37.24 3.77 33.87
CA VAL A 283 37.83 2.55 33.33
C VAL A 283 37.20 2.09 32.02
N ARG A 284 38.05 1.82 31.05
CA ARG A 284 37.61 1.29 29.81
C ARG A 284 38.46 0.03 29.58
N PHE A 285 37.83 -1.00 29.03
CA PHE A 285 38.51 -2.25 28.77
C PHE A 285 38.24 -2.82 27.38
N ARG A 286 39.21 -3.50 26.82
CA ARG A 286 39.19 -3.97 25.44
C ARG A 286 40.00 -5.26 25.30
N SER A 287 39.57 -6.11 24.38
CA SER A 287 40.23 -7.37 24.14
C SER A 287 40.33 -7.65 22.65
N LYS A 288 41.21 -8.57 22.31
CA LYS A 288 41.35 -9.03 20.95
C LYS A 288 40.88 -10.50 20.91
N GLY A 289 40.72 -11.07 22.08
CA GLY A 289 40.25 -12.42 22.23
C GLY A 289 39.47 -12.58 23.52
N PRO A 290 40.15 -12.98 24.59
CA PRO A 290 39.49 -13.17 25.89
C PRO A 290 38.37 -12.17 26.13
N VAL A 291 37.14 -12.66 26.27
CA VAL A 291 36.00 -11.80 26.52
C VAL A 291 36.33 -10.82 27.63
N ILE A 292 35.68 -9.67 27.63
CA ILE A 292 35.95 -8.67 28.66
C ILE A 292 34.74 -8.26 29.51
N ASN A 293 33.59 -8.85 29.20
CA ASN A 293 32.39 -8.57 29.97
C ASN A 293 32.53 -9.33 31.29
N GLY A 294 33.77 -9.58 31.68
CA GLY A 294 34.09 -10.30 32.90
C GLY A 294 34.60 -9.44 34.04
N LEU A 295 35.88 -9.07 33.97
CA LEU A 295 36.46 -8.25 35.02
C LEU A 295 35.82 -6.90 35.01
N LYS A 298 31.85 -7.23 36.70
CA LYS A 298 32.45 -7.60 37.98
C LYS A 298 32.60 -6.39 38.88
N TYR A 299 32.84 -5.22 38.30
CA TYR A 299 33.00 -4.04 39.12
C TYR A 299 31.79 -3.12 38.89
N ASN A 300 30.64 -3.55 39.43
CA ASN A 300 29.34 -2.85 39.32
C ASN A 300 29.37 -1.40 38.83
N HIS A 304 29.23 -4.34 25.78
CA HIS A 304 29.55 -5.38 24.83
C HIS A 304 30.61 -6.26 25.45
N PRO A 305 30.87 -7.41 24.83
CA PRO A 305 31.88 -8.34 25.35
C PRO A 305 33.24 -8.11 24.71
N ASP A 319 44.79 -0.72 41.33
CA ASP A 319 45.57 -1.60 40.47
C ASP A 319 45.23 -3.06 40.71
N ARG A 320 44.07 -3.29 41.33
CA ARG A 320 43.61 -4.66 41.62
C ARG A 320 43.20 -5.36 40.34
N ILE A 321 42.51 -4.62 39.47
CA ILE A 321 42.05 -5.16 38.20
C ILE A 321 43.23 -5.63 37.37
N LEU A 322 44.41 -5.08 37.66
CA LEU A 322 45.63 -5.41 36.94
C LEU A 322 46.12 -6.85 37.06
N ASP A 324 45.12 -9.38 37.70
CA ASP A 324 44.12 -10.33 37.30
C ASP A 324 43.80 -10.11 35.84
N LEU A 325 44.56 -9.27 35.13
CA LEU A 325 44.13 -9.11 33.76
C LEU A 325 45.13 -9.80 32.88
N GLU A 326 46.37 -9.88 33.37
CA GLU A 326 47.44 -10.53 32.63
C GLU A 326 47.04 -11.94 32.20
N LEU A 328 43.08 -13.05 32.52
CA LEU A 328 42.31 -13.32 31.32
C LEU A 328 43.22 -13.71 30.13
N CYS A 329 44.25 -12.90 29.91
CA CYS A 329 45.30 -12.97 28.91
C CYS A 329 46.22 -14.15 29.19
N LYS A 330 46.19 -14.56 30.44
CA LYS A 330 46.96 -15.66 30.95
C LYS A 330 46.49 -16.99 30.38
N GLU A 331 45.14 -16.97 30.30
CA GLU A 331 44.22 -18.02 29.88
C GLU A 331 43.08 -17.52 28.98
N ASN B 12 14.27 7.09 -20.75
CA ASN B 12 13.82 8.47 -20.68
C ASN B 12 14.25 9.24 -21.91
N LEU B 13 15.18 8.68 -22.68
CA LEU B 13 15.67 9.32 -23.89
C LEU B 13 14.62 9.29 -25.00
N TYR B 14 13.80 8.25 -25.00
CA TYR B 14 12.75 8.11 -26.00
C TYR B 14 11.61 9.07 -25.74
N PHE B 15 11.18 9.16 -24.49
CA PHE B 15 10.08 10.05 -24.11
C PHE B 15 10.35 11.48 -24.58
N GLN B 16 11.57 11.95 -24.36
CA GLN B 16 11.96 13.30 -24.77
C GLN B 16 12.11 13.40 -26.28
N SER B 17 12.65 12.34 -26.89
CA SER B 17 12.85 12.31 -28.33
C SER B 17 11.52 12.37 -29.08
N MET B 18 10.51 11.70 -28.54
CA MET B 18 9.18 11.69 -29.14
C MET B 18 8.43 12.98 -28.94
N ALA B 19 8.64 13.62 -27.81
CA ALA B 19 8.03 14.91 -27.52
C ALA B 19 8.55 16.00 -28.45
N SER B 20 9.80 15.86 -28.87
CA SER B 20 10.40 16.83 -29.78
C SER B 20 9.77 16.59 -31.13
N MET B 21 9.60 15.31 -31.44
CA MET B 21 9.01 14.88 -32.70
C MET B 21 7.56 15.38 -32.78
N LYS B 22 6.74 15.02 -31.80
CA LYS B 22 5.34 15.48 -31.75
C LYS B 22 5.21 17.00 -31.84
N THR B 23 6.12 17.67 -31.12
CA THR B 23 6.16 19.11 -31.08
C THR B 23 6.44 19.73 -32.47
N GLU B 24 7.36 19.11 -33.21
CA GLU B 24 7.65 19.46 -34.61
C GLU B 24 6.39 19.37 -35.50
N LEU B 25 5.54 18.35 -35.27
CA LEU B 25 4.26 18.24 -36.05
C LEU B 25 3.32 19.38 -35.75
N ILE B 26 3.23 19.70 -34.47
CA ILE B 26 2.34 20.70 -33.97
C ILE B 26 2.76 22.04 -34.56
N ARG B 27 4.06 22.32 -34.51
CA ARG B 27 4.66 23.49 -35.07
C ARG B 27 4.38 23.64 -36.58
N THR B 28 4.73 22.64 -37.37
CA THR B 28 4.46 22.64 -38.80
C THR B 28 2.96 22.87 -39.05
N ILE B 29 2.09 22.20 -38.28
CA ILE B 29 0.62 22.41 -38.43
C ILE B 29 0.20 23.85 -38.15
N SER B 30 0.79 24.47 -37.14
CA SER B 30 0.37 25.85 -36.82
C SER B 30 0.75 26.85 -37.93
N LEU B 31 1.80 26.51 -38.68
CA LEU B 31 2.27 27.40 -39.76
C LEU B 31 1.42 27.41 -41.07
N TYR B 32 0.79 26.29 -41.43
CA TYR B 32 0.11 26.21 -42.74
C TYR B 32 -1.35 26.58 -42.64
N ASP B 33 -1.75 27.48 -43.52
CA ASP B 33 -3.13 27.97 -43.56
C ASP B 33 -4.10 26.93 -44.11
N THR B 34 -3.60 26.05 -44.97
CA THR B 34 -4.40 25.03 -45.63
C THR B 34 -3.85 23.64 -45.30
N ILE B 35 -4.68 22.77 -44.78
CA ILE B 35 -4.21 21.44 -44.37
C ILE B 35 -5.19 20.45 -44.99
N ILE B 36 -4.67 19.40 -45.64
CA ILE B 36 -5.54 18.46 -46.30
C ILE B 36 -5.14 17.08 -45.83
N LEU B 37 -6.12 16.29 -45.37
CA LEU B 37 -5.79 15.01 -44.70
C LEU B 37 -6.32 13.79 -45.50
N HIS B 38 -5.51 12.71 -45.65
CA HIS B 38 -5.80 11.55 -46.47
C HIS B 38 -5.54 10.35 -45.47
N ARG B 39 -5.99 9.17 -45.86
CA ARG B 39 -5.72 7.86 -45.19
C ARG B 39 -5.79 6.87 -46.34
N HIS B 40 -5.82 5.54 -46.05
CA HIS B 40 -5.80 4.49 -47.05
C HIS B 40 -7.13 4.25 -47.88
N VAL B 41 -6.97 3.82 -49.12
CA VAL B 41 -8.10 3.16 -49.88
C VAL B 41 -8.72 2.04 -49.06
N ARG B 42 -9.99 1.79 -49.22
CA ARG B 42 -10.68 0.79 -48.40
C ARG B 42 -10.47 1.02 -46.90
N PRO B 43 -10.99 2.12 -46.43
CA PRO B 43 -10.74 2.62 -45.07
C PRO B 43 -11.52 1.81 -44.06
N ASP B 44 -10.95 1.69 -42.85
CA ASP B 44 -11.59 1.00 -41.74
C ASP B 44 -11.88 2.07 -40.66
N PRO B 45 -12.45 1.69 -39.47
CA PRO B 45 -12.69 2.74 -38.47
C PRO B 45 -11.43 3.55 -38.07
N ASP B 46 -10.29 2.87 -37.95
CA ASP B 46 -9.03 3.60 -37.65
C ASP B 46 -8.59 4.72 -38.65
N ALA B 47 -8.85 4.53 -39.95
CA ALA B 47 -8.53 5.51 -40.98
C ALA B 47 -9.37 6.73 -40.80
N TYR B 48 -10.67 6.51 -40.58
CA TYR B 48 -11.62 7.62 -40.27
C TYR B 48 -11.27 8.25 -38.94
N GLY B 49 -11.07 7.43 -37.92
CA GLY B 49 -10.77 7.90 -36.59
C GLY B 49 -9.52 8.73 -36.43
N SER B 50 -8.50 8.43 -37.23
CA SER B 50 -7.26 9.15 -37.16
C SER B 50 -7.31 10.32 -38.12
N GLN B 51 -7.65 10.10 -39.40
CA GLN B 51 -7.71 11.27 -40.35
C GLN B 51 -8.75 12.27 -39.92
N CYS B 52 -9.95 11.79 -39.65
CA CYS B 52 -11.04 12.69 -39.27
C CYS B 52 -10.99 13.13 -37.81
N GLY B 53 -10.48 12.22 -36.94
CA GLY B 53 -10.15 12.65 -35.59
C GLY B 53 -9.23 13.90 -35.61
N LEU B 54 -8.17 13.88 -36.42
CA LEU B 54 -7.21 14.96 -36.42
C LEU B 54 -7.82 16.19 -37.11
N THR B 55 -8.59 15.91 -38.15
CA THR B 55 -9.29 17.01 -38.86
C THR B 55 -10.22 17.84 -37.93
N GLU B 56 -10.95 17.16 -37.08
CA GLU B 56 -11.92 17.84 -36.18
C GLU B 56 -11.19 18.64 -35.08
N ILE B 57 -10.14 18.04 -34.54
CA ILE B 57 -9.24 18.78 -33.66
C ILE B 57 -8.70 20.03 -34.35
N LEU B 58 -8.17 19.92 -35.56
CA LEU B 58 -7.66 21.09 -36.20
C LEU B 58 -8.77 22.13 -36.46
N ARG B 59 -9.94 21.72 -36.90
CA ARG B 59 -11.02 22.65 -37.16
C ARG B 59 -11.51 23.31 -35.89
N GLU B 60 -11.47 22.59 -34.81
CA GLU B 60 -11.86 23.17 -33.53
C GLU B 60 -10.80 24.16 -33.05
N THR B 61 -9.54 23.72 -33.05
CA THR B 61 -8.44 24.57 -32.61
C THR B 61 -8.13 25.81 -33.45
N TYR B 62 -8.35 25.71 -34.77
CA TYR B 62 -7.82 26.63 -35.76
C TYR B 62 -8.93 26.94 -36.78
N PRO B 63 -10.02 27.61 -36.33
CA PRO B 63 -11.17 27.86 -37.20
C PRO B 63 -10.85 28.77 -38.39
N GLU B 64 -9.70 29.43 -38.32
CA GLU B 64 -9.27 30.38 -39.35
C GLU B 64 -8.53 29.64 -40.48
N LYS B 65 -8.11 28.40 -40.24
CA LYS B 65 -7.46 27.68 -41.29
C LYS B 65 -8.48 27.03 -42.22
N ASN B 66 -8.06 26.69 -43.44
CA ASN B 66 -8.83 25.82 -44.31
C ASN B 66 -8.33 24.38 -44.17
N ILE B 67 -9.17 23.50 -43.62
CA ILE B 67 -8.80 22.10 -43.31
C ILE B 67 -9.79 21.19 -44.02
N PHE B 68 -9.26 20.29 -44.80
CA PHE B 68 -10.11 19.37 -45.55
C PHE B 68 -9.71 17.95 -45.33
N ALA B 69 -10.70 17.05 -45.26
CA ALA B 69 -10.48 15.61 -45.22
C ALA B 69 -10.97 14.99 -46.56
N VAL B 70 -10.05 14.39 -47.34
CA VAL B 70 -10.36 13.82 -48.68
C VAL B 70 -10.37 12.30 -48.73
N GLY B 71 -10.78 11.76 -49.87
CA GLY B 71 -10.83 10.37 -50.08
C GLY B 71 -12.22 9.98 -50.53
N THR B 72 -12.37 8.75 -50.91
CA THR B 72 -13.70 8.25 -51.30
C THR B 72 -14.46 7.78 -50.07
N PRO B 73 -15.69 8.31 -49.86
CA PRO B 73 -16.57 7.77 -48.80
C PRO B 73 -16.67 6.21 -48.79
N GLU B 74 -16.69 5.61 -47.62
CA GLU B 74 -16.94 4.19 -47.46
C GLU B 74 -18.32 4.11 -46.80
N PRO B 75 -19.39 3.72 -47.53
CA PRO B 75 -20.78 3.75 -46.99
C PRO B 75 -21.05 3.32 -45.54
N SER B 76 -20.55 2.12 -45.12
CA SER B 76 -20.65 1.68 -43.72
C SER B 76 -20.00 2.58 -42.67
N LEU B 77 -19.12 3.48 -43.09
CA LEU B 77 -18.42 4.38 -42.15
C LEU B 77 -18.72 5.85 -42.26
N SER B 78 -19.59 6.25 -43.16
CA SER B 78 -19.78 7.67 -43.36
C SER B 78 -20.64 8.35 -42.31
N PHE B 79 -21.29 7.58 -41.49
CA PHE B 79 -21.89 8.12 -40.30
C PHE B 79 -20.84 8.81 -39.37
N LEU B 80 -19.57 8.37 -39.47
CA LEU B 80 -18.51 8.96 -38.63
C LEU B 80 -18.27 10.38 -39.11
N TYR B 81 -18.07 10.55 -40.40
CA TYR B 81 -17.68 11.87 -40.83
C TYR B 81 -17.95 11.98 -42.29
N SER B 82 -18.33 13.19 -42.70
CA SER B 82 -18.58 13.47 -44.11
C SER B 82 -17.28 14.03 -44.66
N LEU B 83 -16.87 13.56 -45.84
CA LEU B 83 -15.59 14.02 -46.43
C LEU B 83 -15.77 15.24 -47.35
N ASP B 84 -14.67 15.88 -47.71
CA ASP B 84 -14.66 17.07 -48.55
C ASP B 84 -14.25 16.68 -49.95
N GLU B 85 -14.69 17.49 -50.90
CA GLU B 85 -14.20 17.41 -52.27
C GLU B 85 -13.47 18.67 -52.59
N VAL B 86 -12.23 18.55 -53.01
CA VAL B 86 -11.45 19.72 -53.32
C VAL B 86 -10.74 19.75 -54.66
N ASP B 87 -10.59 20.96 -55.15
CA ASP B 87 -9.93 21.27 -56.39
C ASP B 87 -8.46 21.00 -56.24
N ASN B 88 -7.78 20.71 -57.32
CA ASN B 88 -6.32 20.62 -57.27
C ASN B 88 -5.65 21.90 -56.73
N GLU B 89 -6.11 23.05 -57.21
CA GLU B 89 -5.54 24.36 -56.78
C GLU B 89 -5.49 24.52 -55.22
N THR B 90 -6.40 23.85 -54.49
CA THR B 90 -6.41 23.94 -53.01
C THR B 90 -5.10 23.39 -52.42
N TYR B 91 -4.45 22.52 -53.17
CA TYR B 91 -3.17 21.96 -52.73
C TYR B 91 -2.02 22.94 -52.84
N GLU B 92 -2.15 24.04 -53.61
CA GLU B 92 -0.99 24.95 -53.76
C GLU B 92 -0.54 25.51 -52.37
N GLY B 93 0.72 25.30 -51.99
CA GLY B 93 1.17 25.78 -50.68
C GLY B 93 0.66 25.00 -49.44
N ALA B 94 -0.06 23.88 -49.61
CA ALA B 94 -0.73 23.27 -48.48
C ALA B 94 0.15 22.27 -47.75
N LEU B 95 -0.22 22.05 -46.49
CA LEU B 95 0.32 20.95 -45.72
C LEU B 95 -0.65 19.78 -45.98
N VAL B 96 -0.11 18.60 -46.31
CA VAL B 96 -0.89 17.41 -46.45
C VAL B 96 -0.39 16.43 -45.39
N ILE B 97 -1.36 15.84 -44.71
CA ILE B 97 -1.12 14.89 -43.69
C ILE B 97 -1.77 13.60 -44.11
N VAL B 98 -1.03 12.50 -44.03
CA VAL B 98 -1.58 11.24 -44.40
C VAL B 98 -1.51 10.28 -43.18
N CYS B 99 -2.62 9.63 -42.90
CA CYS B 99 -2.76 8.77 -41.67
C CYS B 99 -2.89 7.28 -41.93
N ASP B 100 -2.36 6.46 -41.03
CA ASP B 100 -2.76 5.03 -41.14
C ASP B 100 -2.50 4.37 -42.50
N THR B 101 -1.51 4.85 -43.26
CA THR B 101 -1.19 4.27 -44.60
C THR B 101 0.28 3.95 -44.75
N ALA B 102 0.63 2.68 -44.62
CA ALA B 102 2.01 2.22 -44.75
C ALA B 102 2.61 2.41 -46.15
N ASN B 103 1.80 2.28 -47.20
CA ASN B 103 2.31 2.41 -48.54
C ASN B 103 1.73 3.52 -49.37
N GLN B 104 2.59 4.34 -49.93
CA GLN B 104 2.15 5.43 -50.82
C GLN B 104 1.08 5.03 -51.83
N GLU B 105 1.25 3.83 -52.41
CA GLU B 105 0.33 3.35 -53.46
C GLU B 105 -1.08 3.16 -52.92
N ARG B 106 -1.21 2.97 -51.60
CA ARG B 106 -2.53 2.74 -50.95
C ARG B 106 -3.18 4.00 -50.41
N ILE B 107 -2.58 5.16 -50.65
CA ILE B 107 -3.17 6.44 -50.22
C ILE B 107 -4.39 6.78 -51.08
N ASP B 108 -5.51 7.15 -50.45
CA ASP B 108 -6.74 7.32 -51.16
C ASP B 108 -6.68 8.77 -51.55
N ASP B 109 -6.61 8.98 -52.87
CA ASP B 109 -6.47 10.31 -53.46
C ASP B 109 -4.98 10.53 -53.72
N GLN B 110 -4.51 10.20 -54.92
CA GLN B 110 -3.09 10.33 -55.27
C GLN B 110 -2.49 11.73 -55.39
N ARG B 111 -3.25 12.74 -55.11
CA ARG B 111 -2.75 14.10 -55.20
C ARG B 111 -2.02 14.48 -53.91
N TYR B 112 -1.87 13.52 -52.96
CA TYR B 112 -1.17 13.80 -51.68
C TYR B 112 0.22 14.46 -51.81
N PRO B 113 1.04 14.16 -52.86
CA PRO B 113 2.39 14.81 -52.80
C PRO B 113 2.42 16.18 -53.48
N SER B 114 1.27 16.80 -53.67
CA SER B 114 1.18 18.07 -54.48
C SER B 114 1.13 19.38 -53.67
N GLY B 115 1.14 19.27 -52.32
CA GLY B 115 1.25 20.47 -51.46
C GLY B 115 2.67 21.00 -51.30
N ALA B 116 2.85 21.88 -50.33
CA ALA B 116 4.21 22.40 -50.04
C ALA B 116 4.96 21.42 -49.17
N LYS B 117 4.24 20.67 -48.34
CA LYS B 117 4.83 19.71 -47.40
C LYS B 117 4.00 18.46 -47.26
N LEU B 118 4.62 17.36 -46.90
CA LEU B 118 3.90 16.17 -46.74
C LEU B 118 4.25 15.64 -45.30
N MET B 119 3.25 15.15 -44.57
CA MET B 119 3.40 14.62 -43.16
C MET B 119 2.81 13.23 -43.11
N LYS B 120 3.59 12.28 -42.57
CA LYS B 120 3.17 10.85 -42.40
C LYS B 120 3.06 10.51 -40.90
N ILE B 121 1.86 10.03 -40.53
CA ILE B 121 1.60 9.60 -39.15
C ILE B 121 1.14 8.18 -39.23
N ASP B 122 1.90 7.25 -38.68
CA ASP B 122 1.42 5.95 -38.88
C ASP B 122 1.95 5.00 -37.83
N ALA B 123 1.25 3.87 -37.70
CA ALA B 123 1.58 2.80 -36.75
C ALA B 123 2.09 1.50 -37.37
N HIS B 124 2.29 1.49 -38.69
CA HIS B 124 2.68 0.32 -39.47
C HIS B 124 4.17 0.43 -39.66
N PRO B 125 4.89 -0.70 -39.87
CA PRO B 125 6.33 -0.57 -40.14
C PRO B 125 6.66 0.43 -41.26
N ASN B 126 7.73 1.21 -41.08
CA ASN B 126 8.10 2.32 -41.97
C ASN B 126 8.86 1.84 -43.21
N GLU B 127 8.33 0.83 -43.89
CA GLU B 127 8.96 0.30 -45.09
C GLU B 127 9.03 1.37 -46.17
N ASP B 128 7.97 2.15 -46.31
CA ASP B 128 7.92 3.22 -47.32
C ASP B 128 8.00 4.56 -46.59
N PRO B 129 9.27 5.08 -46.37
CA PRO B 129 9.45 6.22 -45.51
C PRO B 129 9.13 7.55 -46.22
N TYR B 130 7.90 7.72 -46.62
CA TYR B 130 7.53 8.96 -47.29
C TYR B 130 7.22 10.11 -46.36
N GLY B 131 7.37 11.34 -46.87
CA GLY B 131 6.93 12.51 -46.16
C GLY B 131 8.11 13.40 -45.83
N ASP B 132 7.87 14.72 -45.71
CA ASP B 132 8.85 15.68 -45.21
C ASP B 132 9.03 15.55 -43.67
N LEU B 133 7.93 15.27 -42.96
CA LEU B 133 7.97 14.94 -41.55
C LEU B 133 7.32 13.58 -41.35
N LEU B 134 7.91 12.74 -40.54
CA LEU B 134 7.32 11.42 -40.36
C LEU B 134 7.18 11.21 -38.89
N TRP B 135 6.05 10.70 -38.46
CA TRP B 135 5.95 10.14 -37.09
C TRP B 135 5.33 8.76 -37.18
N VAL B 136 6.15 7.73 -36.99
CA VAL B 136 5.76 6.34 -37.10
C VAL B 136 6.07 5.60 -35.81
N ASP B 137 5.10 4.90 -35.27
CA ASP B 137 5.25 4.24 -33.98
C ASP B 137 4.59 2.85 -33.97
N THR B 138 5.37 1.88 -34.33
CA THR B 138 4.86 0.51 -34.34
C THR B 138 4.32 0.03 -32.98
N SER B 139 4.59 0.73 -31.90
CA SER B 139 4.01 0.36 -30.59
C SER B 139 2.58 0.92 -30.30
N ALA B 140 2.08 1.87 -31.11
CA ALA B 140 0.70 2.33 -30.98
C ALA B 140 -0.33 1.24 -31.39
N SER B 141 -1.50 1.23 -30.78
CA SER B 141 -2.48 0.19 -31.16
C SER B 141 -3.07 0.62 -32.54
N SER B 142 -2.87 1.88 -32.93
CA SER B 142 -3.62 2.39 -33.99
C SER B 142 -3.25 3.88 -34.18
N VAL B 143 -3.55 4.42 -35.34
CA VAL B 143 -3.17 5.78 -35.53
C VAL B 143 -4.07 6.66 -34.69
N SER B 144 -5.30 6.22 -34.46
CA SER B 144 -6.19 6.99 -33.57
C SER B 144 -5.52 7.09 -32.15
N GLU B 145 -4.79 6.09 -31.67
CA GLU B 145 -4.13 6.24 -30.38
C GLU B 145 -3.05 7.36 -30.52
N MET B 146 -2.39 7.35 -31.69
CA MET B 146 -1.33 8.33 -31.96
C MET B 146 -1.86 9.74 -32.01
N ILE B 147 -3.03 9.90 -32.56
CA ILE B 147 -3.68 11.21 -32.61
C ILE B 147 -4.07 11.66 -31.21
N TYR B 148 -4.53 10.75 -30.35
CA TYR B 148 -4.92 11.21 -29.01
C TYR B 148 -3.63 11.65 -28.34
N GLU B 149 -2.57 10.81 -28.44
CA GLU B 149 -1.26 11.25 -27.95
C GLU B 149 -0.71 12.59 -28.48
N LEU B 150 -0.83 12.83 -29.80
CA LEU B 150 -0.45 14.11 -30.37
C LEU B 150 -1.23 15.21 -29.73
N TYR B 151 -2.51 14.93 -29.46
CA TYR B 151 -3.39 15.87 -28.80
C TYR B 151 -2.86 16.18 -27.42
N LEU B 152 -2.50 15.15 -26.64
CA LEU B 152 -1.97 15.43 -25.32
C LEU B 152 -0.76 16.39 -25.40
N GLU B 153 0.10 16.29 -26.41
CA GLU B 153 1.20 17.25 -26.52
C GLU B 153 0.70 18.62 -26.97
N GLY B 154 -0.33 18.65 -27.80
CA GLY B 154 -0.79 19.91 -28.34
C GLY B 154 -1.60 20.73 -27.35
N LYS B 155 -1.94 20.13 -26.21
CA LYS B 155 -2.68 20.85 -25.17
C LYS B 155 -1.93 22.12 -24.73
N GLU B 156 -0.66 22.01 -24.40
CA GLU B 156 0.11 23.20 -24.04
C GLU B 156 0.21 24.25 -25.18
N HIS B 157 -0.19 23.86 -26.40
CA HIS B 157 -0.14 24.76 -27.58
C HIS B 157 -1.52 25.25 -28.00
N GLY B 158 -2.51 25.13 -27.13
CA GLY B 158 -3.86 25.56 -27.47
C GLY B 158 -4.78 24.51 -28.09
N TRP B 159 -4.33 23.26 -28.30
CA TRP B 159 -5.24 22.26 -28.94
C TRP B 159 -6.50 21.90 -28.17
N LYS B 160 -7.59 21.73 -28.90
CA LYS B 160 -8.89 21.46 -28.28
C LYS B 160 -9.46 20.14 -28.81
N LEU B 161 -9.98 19.34 -27.90
CA LEU B 161 -10.61 18.13 -28.26
C LEU B 161 -12.08 18.27 -27.97
N ASN B 162 -12.90 18.19 -28.99
CA ASN B 162 -14.34 18.25 -28.75
C ASN B 162 -15.02 16.89 -28.75
N THR B 163 -16.33 16.85 -28.49
CA THR B 163 -17.10 15.59 -28.39
C THR B 163 -17.04 14.74 -29.69
N LYS B 164 -17.16 15.42 -30.83
CA LYS B 164 -17.03 14.78 -32.12
C LYS B 164 -15.63 14.13 -32.23
N ALA B 165 -14.56 14.91 -32.05
CA ALA B 165 -13.20 14.31 -32.14
C ALA B 165 -12.99 13.13 -31.18
N ALA B 166 -13.52 13.22 -29.96
CA ALA B 166 -13.33 12.14 -28.99
C ALA B 166 -13.96 10.88 -29.50
N GLU B 167 -15.19 11.03 -30.00
CA GLU B 167 -15.91 9.88 -30.55
C GLU B 167 -15.15 9.23 -31.72
N LEU B 168 -14.58 10.06 -32.60
CA LEU B 168 -13.82 9.54 -33.76
C LEU B 168 -12.60 8.72 -33.32
N ILE B 169 -11.88 9.27 -32.37
CA ILE B 169 -10.68 8.62 -31.89
C ILE B 169 -11.04 7.34 -31.19
N TYR B 170 -12.10 7.40 -30.41
CA TYR B 170 -12.64 6.22 -29.74
C TYR B 170 -13.04 5.17 -30.80
N ALA B 171 -13.72 5.60 -31.87
CA ALA B 171 -14.08 4.60 -32.95
C ALA B 171 -12.90 3.82 -33.55
N GLY B 172 -11.82 4.56 -33.83
CA GLY B 172 -10.65 4.06 -34.54
C GLY B 172 -9.93 3.09 -33.63
N ILE B 173 -9.83 3.43 -32.33
CA ILE B 173 -9.12 2.53 -31.38
C ILE B 173 -9.95 1.25 -31.17
N VAL B 174 -11.27 1.38 -30.98
CA VAL B 174 -12.19 0.23 -30.92
C VAL B 174 -12.14 -0.59 -32.20
N GLY B 175 -12.12 0.09 -33.35
CA GLY B 175 -11.99 -0.64 -34.62
C GLY B 175 -10.70 -1.44 -34.75
N ASP B 176 -9.54 -0.86 -34.44
CA ASP B 176 -8.24 -1.55 -34.62
C ASP B 176 -7.94 -2.62 -33.54
N THR B 177 -8.61 -2.55 -32.39
CA THR B 177 -8.40 -3.54 -31.30
C THR B 177 -9.49 -4.61 -31.18
N GLY B 178 -10.53 -4.52 -32.03
CA GLY B 178 -11.70 -5.42 -31.91
C GLY B 178 -12.43 -5.14 -30.60
N ARG B 179 -12.50 -3.86 -30.19
CA ARG B 179 -12.99 -3.45 -28.84
C ARG B 179 -12.14 -4.17 -27.76
N PHE B 180 -10.83 -3.91 -27.74
CA PHE B 180 -9.94 -4.42 -26.66
C PHE B 180 -9.90 -5.94 -26.62
N LEU B 181 -10.11 -6.56 -27.78
CA LEU B 181 -9.99 -8.04 -27.96
C LEU B 181 -8.58 -8.41 -28.42
N PHE B 182 -7.99 -7.62 -29.32
CA PHE B 182 -6.76 -8.07 -29.99
C PHE B 182 -5.49 -7.79 -29.20
N PRO B 183 -4.42 -8.59 -29.43
CA PRO B 183 -3.22 -8.37 -28.67
C PRO B 183 -2.55 -7.01 -28.95
N ASN B 184 -3.06 -6.19 -29.85
CA ASN B 184 -2.40 -4.87 -29.96
C ASN B 184 -2.86 -3.88 -28.89
N THR B 185 -3.73 -4.37 -28.02
CA THR B 185 -4.27 -3.59 -26.87
C THR B 185 -3.22 -3.44 -25.77
N THR B 186 -2.88 -2.20 -25.44
CA THR B 186 -1.90 -1.96 -24.40
C THR B 186 -2.49 -1.11 -23.29
N GLU B 187 -1.73 -0.95 -22.21
CA GLU B 187 -2.10 -0.13 -21.09
C GLU B 187 -2.48 1.26 -21.58
N LYS B 188 -1.65 1.81 -22.45
CA LYS B 188 -1.89 3.14 -23.00
C LYS B 188 -3.26 3.23 -23.72
N THR B 189 -3.56 2.22 -24.51
CA THR B 189 -4.84 2.09 -25.23
C THR B 189 -6.05 2.13 -24.32
N LEU B 190 -6.05 1.30 -23.29
CA LEU B 190 -7.14 1.33 -22.36
C LEU B 190 -7.28 2.64 -21.58
N LYS B 191 -6.18 3.25 -21.23
CA LYS B 191 -6.21 4.49 -20.49
C LYS B 191 -6.71 5.65 -21.34
N TYR B 192 -6.34 5.70 -22.59
CA TYR B 192 -6.86 6.72 -23.52
C TYR B 192 -8.35 6.47 -23.68
N ALA B 193 -8.73 5.22 -23.84
CA ALA B 193 -10.17 4.92 -23.94
C ALA B 193 -10.91 5.40 -22.71
N GLY B 194 -10.39 5.09 -21.53
CA GLY B 194 -10.92 5.69 -20.29
C GLY B 194 -11.22 7.20 -20.34
N GLU B 195 -10.28 7.97 -20.87
CA GLU B 195 -10.38 9.39 -20.95
C GLU B 195 -11.40 9.83 -21.99
N LEU B 196 -11.38 9.22 -23.19
CA LEU B 196 -12.33 9.49 -24.28
C LEU B 196 -13.80 9.19 -23.92
N ILE B 197 -14.02 8.12 -23.14
CA ILE B 197 -15.38 7.78 -22.75
C ILE B 197 -16.11 8.80 -21.86
N GLN B 198 -15.37 9.73 -21.29
CA GLN B 198 -15.95 10.77 -20.47
C GLN B 198 -16.57 11.89 -21.29
N TYR B 199 -16.28 11.92 -22.57
CA TYR B 199 -16.94 12.88 -23.49
C TYR B 199 -18.34 12.43 -23.76
N PRO B 200 -19.30 13.37 -23.90
CA PRO B 200 -20.70 12.92 -24.07
C PRO B 200 -21.14 12.41 -25.46
N PHE B 201 -20.40 11.50 -26.10
CA PHE B 201 -21.00 10.84 -27.28
C PHE B 201 -21.73 9.65 -26.76
N SER B 202 -22.68 9.17 -27.54
CA SER B 202 -23.31 7.91 -27.21
C SER B 202 -22.52 6.72 -27.73
N SER B 203 -21.88 6.04 -26.80
CA SER B 203 -21.25 4.73 -27.03
C SER B 203 -22.10 3.66 -27.69
N SER B 204 -23.33 3.48 -27.20
CA SER B 204 -24.15 2.42 -27.79
C SER B 204 -24.64 2.83 -29.17
N GLU B 205 -24.84 4.13 -29.39
CA GLU B 205 -25.13 4.62 -30.75
C GLU B 205 -23.93 4.27 -31.69
N LEU B 206 -22.72 4.56 -31.24
CA LEU B 206 -21.51 4.21 -31.99
C LEU B 206 -21.39 2.71 -32.22
N PHE B 207 -21.51 1.87 -31.17
CA PHE B 207 -21.34 0.39 -31.36
C PHE B 207 -22.41 -0.18 -32.31
N ASN B 208 -23.60 0.39 -32.26
CA ASN B 208 -24.70 -0.04 -33.14
C ASN B 208 -24.31 0.19 -34.59
N GLN B 209 -23.74 1.34 -34.86
CA GLN B 209 -23.36 1.63 -36.22
C GLN B 209 -22.12 0.87 -36.64
N LEU B 210 -21.18 0.74 -35.75
CA LEU B 210 -20.02 -0.01 -36.12
C LEU B 210 -20.33 -1.46 -36.39
N TYR B 211 -21.23 -2.06 -35.61
CA TYR B 211 -21.50 -3.53 -35.75
C TYR B 211 -22.69 -3.87 -36.66
N GLU B 212 -23.43 -2.86 -37.09
CA GLU B 212 -24.56 -3.04 -38.00
C GLU B 212 -24.22 -4.00 -39.19
N THR B 213 -25.05 -5.01 -39.40
CA THR B 213 -24.83 -5.95 -40.49
C THR B 213 -26.09 -6.13 -41.33
N LYS B 214 -25.93 -6.12 -42.66
CA LYS B 214 -27.06 -6.33 -43.55
C LYS B 214 -27.66 -7.67 -43.31
N LEU B 215 -29.00 -7.69 -43.32
CA LEU B 215 -29.77 -8.90 -43.16
C LEU B 215 -29.33 -10.16 -43.94
N ASN B 216 -29.00 -10.00 -45.22
CA ASN B 216 -28.73 -11.18 -46.03
C ASN B 216 -27.41 -11.85 -45.62
N VAL B 217 -26.50 -11.01 -45.16
CA VAL B 217 -25.19 -11.47 -44.55
C VAL B 217 -25.46 -12.19 -43.19
N VAL B 218 -26.28 -11.57 -42.38
CA VAL B 218 -26.76 -12.29 -41.20
C VAL B 218 -27.42 -13.65 -41.48
N LYS B 219 -28.33 -13.66 -42.46
CA LYS B 219 -28.96 -14.95 -42.83
C LYS B 219 -27.95 -16.00 -43.33
N LEU B 220 -27.03 -15.52 -44.17
CA LEU B 220 -25.95 -16.39 -44.62
C LEU B 220 -25.11 -16.90 -43.45
N ASN B 221 -24.80 -15.99 -42.50
CA ASN B 221 -24.05 -16.37 -41.28
C ASN B 221 -24.85 -17.42 -40.51
N GLY B 222 -26.17 -17.24 -40.50
CA GLY B 222 -27.11 -18.27 -40.04
C GLY B 222 -26.96 -19.63 -40.68
N PHE B 223 -27.04 -19.66 -42.01
CA PHE B 223 -26.81 -20.86 -42.75
C PHE B 223 -25.46 -21.50 -42.36
N ILE B 224 -24.44 -20.67 -42.30
CA ILE B 224 -23.10 -21.18 -41.96
C ILE B 224 -23.07 -21.87 -40.61
N PHE B 225 -23.61 -21.19 -39.58
CA PHE B 225 -23.66 -21.78 -38.22
C PHE B 225 -24.46 -23.09 -38.14
N GLN B 226 -25.62 -23.20 -38.82
CA GLN B 226 -26.39 -24.46 -38.78
C GLN B 226 -25.75 -25.58 -39.56
N ASN B 227 -24.99 -25.24 -40.59
CA ASN B 227 -24.46 -26.30 -41.41
C ASN B 227 -23.04 -26.69 -41.15
N VAL B 228 -22.45 -26.24 -40.04
CA VAL B 228 -21.03 -26.53 -39.80
C VAL B 228 -20.97 -27.99 -39.38
N SER B 229 -19.91 -28.68 -39.79
CA SER B 229 -19.69 -30.07 -39.44
C SER B 229 -18.43 -30.10 -38.61
N LEU B 230 -18.49 -30.71 -37.43
CA LEU B 230 -17.32 -30.74 -36.56
C LEU B 230 -16.96 -32.22 -36.20
N SER B 231 -15.75 -32.67 -36.49
CA SER B 231 -15.38 -34.03 -36.18
C SER B 231 -14.96 -34.05 -34.71
N GLU B 232 -14.78 -35.28 -34.25
CA GLU B 232 -14.37 -35.59 -32.90
C GLU B 232 -12.91 -35.14 -32.63
N ASN B 233 -12.17 -34.79 -33.70
CA ASN B 233 -10.79 -34.30 -33.58
C ASN B 233 -10.66 -32.81 -33.77
N GLY B 234 -11.79 -32.10 -33.89
CA GLY B 234 -11.70 -30.63 -33.96
C GLY B 234 -11.65 -29.99 -35.34
N ALA B 235 -11.69 -30.82 -36.38
CA ALA B 235 -11.79 -30.32 -37.75
C ALA B 235 -13.24 -29.97 -38.11
N ALA B 236 -13.45 -28.76 -38.64
CA ALA B 236 -14.78 -28.28 -39.03
C ALA B 236 -14.71 -27.92 -40.51
N SER B 237 -15.84 -28.06 -41.18
CA SER B 237 -16.02 -27.57 -42.55
C SER B 237 -17.43 -26.94 -42.78
N VAL B 238 -17.50 -26.02 -43.71
CA VAL B 238 -18.77 -25.51 -44.23
C VAL B 238 -18.65 -25.43 -45.76
N PHE B 239 -19.65 -25.97 -46.47
CA PHE B 239 -19.71 -25.91 -47.93
C PHE B 239 -20.77 -24.86 -48.28
N ILE B 240 -20.40 -23.84 -49.05
CA ILE B 240 -21.33 -22.79 -49.46
C ILE B 240 -21.37 -22.90 -51.00
N LYS B 241 -22.45 -23.46 -51.56
CA LYS B 241 -22.61 -23.61 -53.02
C LYS B 241 -23.31 -22.39 -53.66
N LYS B 242 -23.18 -22.27 -54.99
CA LYS B 242 -23.80 -21.17 -55.71
C LYS B 242 -25.25 -21.02 -55.27
N ASP B 243 -25.91 -22.15 -55.09
CA ASP B 243 -27.30 -22.17 -54.65
C ASP B 243 -27.50 -21.27 -53.41
N THR B 244 -26.88 -21.65 -52.33
CA THR B 244 -26.92 -20.90 -51.12
C THR B 244 -26.65 -19.44 -51.36
N LEU B 245 -25.64 -19.15 -52.13
CA LEU B 245 -25.25 -17.80 -52.41
C LEU B 245 -26.36 -16.99 -53.13
N GLU B 246 -27.06 -17.65 -54.06
CA GLU B 246 -28.19 -17.08 -54.80
C GLU B 246 -29.41 -16.83 -53.94
N LYS B 247 -29.76 -17.86 -53.17
CA LYS B 247 -30.84 -17.79 -52.19
C LYS B 247 -30.68 -16.58 -51.27
N PHE B 248 -29.51 -16.36 -50.74
CA PHE B 248 -29.35 -15.22 -49.84
C PHE B 248 -29.00 -13.94 -50.55
N GLY B 249 -28.68 -14.04 -51.82
CA GLY B 249 -28.27 -12.88 -52.62
C GLY B 249 -26.95 -12.38 -52.09
N THR B 250 -26.06 -13.29 -51.72
CA THR B 250 -24.74 -12.88 -51.25
C THR B 250 -23.63 -13.25 -52.23
N THR B 251 -22.56 -12.47 -52.25
CA THR B 251 -21.44 -12.81 -53.11
C THR B 251 -20.54 -13.88 -52.44
N ALA B 252 -19.62 -14.47 -53.19
CA ALA B 252 -18.76 -15.52 -52.65
C ALA B 252 -17.81 -14.84 -51.69
N SER B 253 -17.47 -13.61 -52.00
CA SER B 253 -16.56 -12.86 -51.22
C SER B 253 -17.12 -12.51 -49.80
N GLU B 254 -18.34 -11.95 -49.75
CA GLU B 254 -19.11 -11.85 -48.48
C GLU B 254 -19.16 -13.17 -47.70
N ALA B 255 -19.43 -14.27 -48.41
CA ALA B 255 -19.36 -15.62 -47.80
C ALA B 255 -18.02 -15.91 -47.20
N SER B 256 -16.97 -15.71 -48.00
CA SER B 256 -15.63 -15.96 -47.53
C SER B 256 -15.15 -15.01 -46.38
N GLN B 257 -15.67 -13.80 -46.29
CA GLN B 257 -15.41 -12.89 -45.19
C GLN B 257 -15.89 -13.42 -43.81
N LEU B 258 -16.80 -14.38 -43.83
CA LEU B 258 -17.43 -14.86 -42.63
C LEU B 258 -16.66 -16.06 -42.12
N VAL B 259 -15.53 -16.38 -42.73
CA VAL B 259 -14.80 -17.61 -42.27
C VAL B 259 -14.29 -17.55 -40.75
N GLY B 260 -14.06 -16.36 -40.18
CA GLY B 260 -13.50 -16.22 -38.78
C GLY B 260 -14.53 -16.50 -37.70
N THR B 261 -15.79 -16.39 -38.13
CA THR B 261 -16.95 -16.53 -37.26
C THR B 261 -17.07 -17.85 -36.52
N LEU B 262 -16.37 -18.86 -37.00
CA LEU B 262 -16.47 -20.17 -36.33
C LEU B 262 -15.58 -20.31 -35.10
N GLY B 263 -14.84 -19.25 -34.83
CA GLY B 263 -13.64 -19.31 -33.95
C GLY B 263 -13.98 -19.61 -32.48
N ASN B 264 -15.23 -19.37 -32.09
CA ASN B 264 -15.63 -19.61 -30.74
C ASN B 264 -16.33 -20.92 -30.44
N ILE B 265 -16.44 -21.80 -31.44
CA ILE B 265 -17.06 -23.09 -31.27
C ILE B 265 -16.21 -24.02 -30.38
N SER B 266 -16.84 -24.59 -29.34
CA SER B 266 -16.11 -25.34 -28.36
C SER B 266 -15.55 -26.65 -28.98
N GLY B 267 -14.26 -26.92 -28.79
CA GLY B 267 -13.63 -28.15 -29.35
C GLY B 267 -13.00 -27.95 -30.72
N ILE B 268 -13.21 -26.76 -31.32
CA ILE B 268 -12.70 -26.48 -32.72
C ILE B 268 -11.17 -26.19 -32.72
N ARG B 269 -10.49 -26.65 -33.77
CA ARG B 269 -9.02 -26.63 -33.85
C ARG B 269 -8.67 -25.89 -35.15
N ALA B 270 -9.13 -26.43 -36.27
CA ALA B 270 -8.92 -25.80 -37.56
C ALA B 270 -10.11 -26.07 -38.48
N TRP B 271 -10.40 -25.14 -39.38
CA TRP B 271 -11.52 -25.32 -40.27
C TRP B 271 -11.38 -24.69 -41.66
N VAL B 272 -12.30 -25.02 -42.52
CA VAL B 272 -12.22 -24.70 -43.92
C VAL B 272 -13.61 -24.32 -44.41
N PHE B 273 -13.68 -23.20 -45.14
CA PHE B 273 -14.82 -22.89 -45.98
C PHE B 273 -14.56 -23.37 -47.42
N PHE B 274 -15.56 -24.00 -48.04
CA PHE B 274 -15.60 -24.15 -49.54
C PHE B 274 -16.69 -23.23 -50.13
N VAL B 275 -16.29 -22.23 -50.89
CA VAL B 275 -17.28 -21.35 -51.46
C VAL B 275 -17.22 -21.51 -52.99
N GLU B 276 -18.32 -21.97 -53.55
CA GLU B 276 -18.46 -22.08 -55.01
C GLU B 276 -18.58 -20.77 -55.78
N GLU B 277 -17.64 -20.58 -56.71
CA GLU B 277 -17.75 -19.58 -57.73
C GLU B 277 -18.05 -20.20 -59.12
N ASP B 278 -17.91 -19.41 -60.18
CA ASP B 278 -18.30 -19.90 -61.52
C ASP B 278 -17.28 -20.83 -62.13
N ASP B 279 -16.02 -20.44 -62.04
CA ASP B 279 -14.87 -21.18 -62.60
C ASP B 279 -14.11 -21.97 -61.53
N GLN B 280 -14.34 -21.66 -60.26
CA GLN B 280 -13.54 -22.31 -59.21
C GLN B 280 -14.29 -22.50 -57.88
N ILE B 281 -13.78 -23.39 -57.03
CA ILE B 281 -14.18 -23.40 -55.63
C ILE B 281 -13.09 -22.75 -54.74
N ARG B 282 -13.40 -21.57 -54.20
CA ARG B 282 -12.49 -20.87 -53.28
C ARG B 282 -12.37 -21.65 -51.95
N VAL B 283 -11.16 -21.88 -51.49
CA VAL B 283 -10.94 -22.60 -50.23
C VAL B 283 -10.27 -21.68 -49.20
N ARG B 284 -10.80 -21.69 -47.99
CA ARG B 284 -10.28 -20.82 -46.95
C ARG B 284 -10.04 -21.60 -45.67
N PHE B 285 -8.82 -21.55 -45.20
CA PHE B 285 -8.49 -22.25 -44.00
C PHE B 285 -8.23 -21.32 -42.83
N ARG B 286 -8.75 -21.67 -41.67
CA ARG B 286 -8.45 -20.92 -40.42
C ARG B 286 -8.10 -21.93 -39.35
N SER B 287 -7.24 -21.53 -38.43
CA SER B 287 -6.83 -22.43 -37.35
C SER B 287 -6.62 -21.66 -36.05
N LYS B 288 -6.88 -22.38 -34.96
CA LYS B 288 -6.68 -21.87 -33.61
C LYS B 288 -5.59 -22.73 -32.93
N GLY B 289 -4.92 -23.56 -33.73
CA GLY B 289 -3.87 -24.44 -33.24
C GLY B 289 -2.89 -24.89 -34.30
N PRO B 290 -3.12 -26.06 -34.88
CA PRO B 290 -2.23 -26.62 -35.92
C PRO B 290 -2.05 -25.66 -37.10
N VAL B 291 -0.85 -25.63 -37.65
CA VAL B 291 -0.55 -24.74 -38.81
C VAL B 291 -1.19 -25.37 -40.02
N ILE B 292 -1.79 -24.53 -40.85
CA ILE B 292 -2.59 -24.97 -42.03
C ILE B 292 -2.01 -24.45 -43.38
N ASN B 293 -0.87 -23.75 -43.34
CA ASN B 293 -0.38 -23.14 -44.58
C ASN B 293 0.34 -24.15 -45.47
N GLY B 294 0.87 -25.23 -44.89
CA GLY B 294 1.42 -26.34 -45.68
C GLY B 294 0.32 -27.14 -46.37
N LEU B 295 -0.81 -27.28 -45.68
CA LEU B 295 -1.98 -27.94 -46.25
C LEU B 295 -2.51 -27.11 -47.41
N ALA B 296 -2.53 -25.78 -47.25
CA ALA B 296 -3.00 -24.88 -48.32
C ALA B 296 -2.12 -25.03 -49.55
N ARG B 297 -0.81 -24.98 -49.32
CA ARG B 297 0.16 -25.10 -50.39
C ARG B 297 -0.06 -26.40 -51.16
N LYS B 298 -0.14 -27.50 -50.44
CA LYS B 298 -0.35 -28.81 -51.04
C LYS B 298 -1.47 -28.75 -52.08
N TYR B 299 -2.32 -27.74 -51.98
CA TYR B 299 -3.44 -27.57 -52.90
C TYR B 299 -3.29 -26.24 -53.68
N ASN B 300 -2.04 -25.78 -53.81
CA ASN B 300 -1.65 -24.73 -54.79
C ASN B 300 -1.91 -23.34 -54.32
N GLY B 301 -2.16 -23.21 -53.02
CA GLY B 301 -2.35 -21.93 -52.38
C GLY B 301 -1.17 -21.61 -51.46
N GLY B 302 -1.47 -21.01 -50.32
CA GLY B 302 -0.51 -20.63 -49.29
C GLY B 302 -1.11 -19.53 -48.40
N GLY B 303 -0.27 -18.87 -47.60
CA GLY B 303 -0.68 -17.80 -46.70
C GLY B 303 -0.05 -17.99 -45.34
N HIS B 304 -0.67 -17.40 -44.30
CA HIS B 304 -0.13 -17.46 -42.94
C HIS B 304 -0.42 -18.81 -42.27
N PRO B 305 0.36 -19.23 -41.31
CA PRO B 305 0.14 -20.53 -40.66
C PRO B 305 -1.24 -20.82 -40.06
N LEU B 306 -1.99 -19.80 -39.72
CA LEU B 306 -3.28 -19.98 -39.09
C LEU B 306 -4.42 -19.47 -39.96
N ALA B 307 -4.07 -18.92 -41.14
CA ALA B 307 -5.00 -18.36 -42.10
C ALA B 307 -4.44 -18.50 -43.52
N SER B 308 -4.97 -19.45 -44.30
CA SER B 308 -4.52 -19.55 -45.73
C SER B 308 -5.64 -19.77 -46.70
N GLY B 309 -5.35 -19.68 -47.99
CA GLY B 309 -6.34 -19.95 -48.99
C GLY B 309 -5.79 -20.75 -50.13
N ALA B 310 -6.66 -21.54 -50.77
CA ALA B 310 -6.41 -22.19 -52.05
C ALA B 310 -7.61 -22.13 -53.00
N SER B 311 -7.40 -22.54 -54.25
CA SER B 311 -8.53 -22.84 -55.16
C SER B 311 -8.51 -24.27 -55.58
N ILE B 312 -9.71 -24.84 -55.72
CA ILE B 312 -9.89 -26.19 -56.26
C ILE B 312 -10.99 -26.22 -57.33
N TYR B 313 -11.03 -27.31 -58.09
CA TYR B 313 -11.85 -27.33 -59.32
C TYR B 313 -12.78 -28.53 -59.38
N SER B 314 -12.95 -29.21 -58.25
CA SER B 314 -13.81 -30.37 -58.17
C SER B 314 -14.17 -30.67 -56.72
N TRP B 315 -15.37 -31.18 -56.50
CA TRP B 315 -15.81 -31.49 -55.14
C TRP B 315 -15.13 -32.70 -54.58
N ASP B 316 -14.55 -33.51 -55.46
CA ASP B 316 -13.84 -34.71 -55.05
C ASP B 316 -12.55 -34.29 -54.36
N GLU B 317 -12.05 -33.11 -54.74
CA GLU B 317 -10.84 -32.57 -54.17
C GLU B 317 -11.14 -32.07 -52.76
N ALA B 318 -12.30 -31.46 -52.59
CA ALA B 318 -12.71 -30.94 -51.27
C ALA B 318 -12.57 -32.07 -50.28
N ASP B 319 -12.96 -33.26 -50.68
CA ASP B 319 -12.95 -34.39 -49.79
C ASP B 319 -11.54 -34.80 -49.45
N ARG B 320 -10.62 -34.54 -50.35
CA ARG B 320 -9.19 -34.81 -50.16
C ARG B 320 -8.69 -33.82 -49.11
N ILE B 321 -9.12 -32.56 -49.25
CA ILE B 321 -8.71 -31.56 -48.30
C ILE B 321 -9.22 -31.97 -46.91
N LEU B 322 -10.46 -32.48 -46.83
CA LEU B 322 -11.11 -32.76 -45.58
C LEU B 322 -10.34 -33.84 -44.82
N ALA B 323 -10.02 -34.95 -45.48
CA ALA B 323 -9.22 -35.98 -44.82
C ALA B 323 -7.87 -35.45 -44.29
N ASP B 324 -7.14 -34.67 -45.09
CA ASP B 324 -5.87 -34.10 -44.65
C ASP B 324 -6.07 -33.19 -43.44
N LEU B 325 -7.10 -32.34 -43.47
CA LEU B 325 -7.42 -31.49 -42.33
C LEU B 325 -7.59 -32.37 -41.07
N GLU B 326 -8.33 -33.46 -41.22
CA GLU B 326 -8.62 -34.37 -40.12
C GLU B 326 -7.40 -35.03 -39.53
N THR B 327 -6.47 -35.44 -40.39
CA THR B 327 -5.25 -36.08 -39.89
C THR B 327 -4.53 -34.95 -39.20
N LEU B 328 -4.72 -33.76 -39.76
CA LEU B 328 -3.96 -32.59 -39.37
C LEU B 328 -4.47 -32.00 -38.05
N CYS B 329 -5.68 -32.32 -37.70
CA CYS B 329 -6.15 -31.79 -36.45
C CYS B 329 -5.95 -32.83 -35.40
N LYS B 330 -5.58 -34.05 -35.78
CA LYS B 330 -5.38 -35.13 -34.82
C LYS B 330 -3.90 -35.34 -34.49
N GLU B 331 -3.15 -34.24 -34.37
CA GLU B 331 -1.73 -34.29 -34.06
C GLU B 331 -1.43 -35.37 -33.03
N SER C 17 -14.73 8.39 4.44
CA SER C 17 -15.88 7.55 4.61
C SER C 17 -15.60 6.23 3.96
N MET C 18 -15.20 6.27 2.68
CA MET C 18 -14.92 5.07 1.89
C MET C 18 -13.52 4.54 2.11
N ALA C 19 -12.56 5.44 2.21
CA ALA C 19 -11.18 5.03 2.47
C ALA C 19 -11.05 4.41 3.86
N SER C 20 -12.04 4.66 4.71
CA SER C 20 -12.03 4.12 6.07
C SER C 20 -12.28 2.62 6.07
N MET C 21 -13.32 2.19 5.36
CA MET C 21 -13.66 0.77 5.29
C MET C 21 -12.52 -0.03 4.65
N LYS C 22 -11.91 0.54 3.62
CA LYS C 22 -10.81 -0.13 2.93
C LYS C 22 -9.67 -0.47 3.88
N THR C 23 -9.25 0.51 4.68
CA THR C 23 -8.17 0.31 5.64
C THR C 23 -8.53 -0.71 6.71
N GLU C 24 -9.80 -0.72 7.10
CA GLU C 24 -10.29 -1.64 8.11
C GLU C 24 -10.37 -3.08 7.63
N LEU C 25 -10.67 -3.27 6.34
CA LEU C 25 -10.65 -4.59 5.70
C LEU C 25 -9.23 -5.08 5.70
N ILE C 26 -8.36 -4.20 5.25
CA ILE C 26 -6.90 -4.41 5.30
C ILE C 26 -6.34 -4.75 6.66
N ARG C 27 -6.67 -3.90 7.66
CA ARG C 27 -6.38 -4.22 9.10
C ARG C 27 -6.88 -5.61 9.56
N THR C 28 -8.15 -5.85 9.32
CA THR C 28 -8.75 -7.12 9.62
C THR C 28 -8.04 -8.31 8.97
N ILE C 29 -7.81 -8.20 7.67
CA ILE C 29 -7.07 -9.22 6.98
C ILE C 29 -5.67 -9.44 7.61
N SER C 30 -5.00 -8.36 7.97
CA SER C 30 -3.63 -8.51 8.53
C SER C 30 -3.67 -9.26 9.86
N LEU C 31 -4.80 -9.15 10.59
CA LEU C 31 -4.90 -9.77 11.95
C LEU C 31 -5.11 -11.29 12.04
N TYR C 32 -5.69 -11.93 11.02
CA TYR C 32 -6.02 -13.38 11.02
C TYR C 32 -5.16 -14.20 10.12
N ASP C 33 -4.53 -15.25 10.61
CA ASP C 33 -3.64 -15.98 9.73
C ASP C 33 -4.28 -17.14 8.94
N THR C 34 -5.57 -17.37 9.17
CA THR C 34 -6.32 -18.26 8.31
C THR C 34 -7.42 -17.45 7.65
N ILE C 35 -7.41 -17.40 6.31
CA ILE C 35 -8.41 -16.63 5.59
C ILE C 35 -9.03 -17.55 4.51
N ILE C 36 -10.26 -17.56 4.29
CA ILE C 36 -11.04 -18.50 3.51
C ILE C 36 -12.04 -17.68 2.75
N LEU C 37 -12.02 -17.88 1.46
CA LEU C 37 -12.82 -16.99 0.56
C LEU C 37 -13.84 -17.80 -0.22
N HIS C 38 -15.02 -17.19 -0.40
CA HIS C 38 -16.26 -17.79 -0.94
C HIS C 38 -16.75 -16.85 -2.02
N ARG C 39 -17.57 -17.38 -2.91
CA ARG C 39 -18.27 -16.63 -3.95
C ARG C 39 -19.60 -17.35 -4.14
N HIS C 40 -20.34 -17.00 -5.16
CA HIS C 40 -21.67 -17.61 -5.37
C HIS C 40 -21.68 -19.00 -6.03
N VAL C 41 -22.76 -19.76 -5.71
CA VAL C 41 -23.12 -20.99 -6.47
C VAL C 41 -23.34 -20.60 -7.95
N ARG C 42 -23.09 -21.53 -8.88
CA ARG C 42 -23.15 -21.17 -10.34
C ARG C 42 -22.22 -19.97 -10.68
N PRO C 43 -20.93 -20.12 -10.34
CA PRO C 43 -19.99 -18.98 -10.52
C PRO C 43 -19.77 -18.50 -11.98
N ASP C 44 -19.59 -17.18 -12.16
CA ASP C 44 -19.30 -16.59 -13.45
C ASP C 44 -17.87 -16.00 -13.38
N PRO C 45 -17.38 -15.36 -14.46
CA PRO C 45 -15.99 -14.95 -14.35
C PRO C 45 -15.70 -13.98 -13.20
N ASP C 46 -16.63 -13.07 -12.87
CA ASP C 46 -16.44 -12.17 -11.76
C ASP C 46 -16.34 -12.85 -10.37
N ALA C 47 -17.05 -13.95 -10.21
CA ALA C 47 -17.00 -14.81 -8.99
C ALA C 47 -15.60 -15.30 -8.80
N TYR C 48 -15.04 -15.94 -9.83
CA TYR C 48 -13.62 -16.30 -9.84
C TYR C 48 -12.68 -15.13 -9.71
N GLY C 49 -12.94 -14.06 -10.47
CA GLY C 49 -12.02 -12.93 -10.57
C GLY C 49 -11.74 -12.43 -9.16
N SER C 50 -12.82 -12.20 -8.41
CA SER C 50 -12.82 -11.41 -7.20
C SER C 50 -12.37 -12.32 -6.07
N GLN C 51 -13.00 -13.46 -5.92
CA GLN C 51 -12.59 -14.43 -4.90
C GLN C 51 -11.14 -14.91 -5.07
N CYS C 52 -10.83 -15.42 -6.25
CA CYS C 52 -9.49 -15.97 -6.53
C CYS C 52 -8.53 -14.82 -6.83
N GLY C 53 -9.00 -13.70 -7.39
CA GLY C 53 -8.10 -12.55 -7.49
C GLY C 53 -7.55 -12.16 -6.10
N LEU C 54 -8.50 -11.97 -5.17
CA LEU C 54 -8.13 -11.62 -3.79
C LEU C 54 -7.30 -12.74 -3.13
N THR C 55 -7.71 -13.98 -3.31
CA THR C 55 -6.93 -15.10 -2.76
C THR C 55 -5.46 -14.95 -3.22
N GLU C 56 -5.22 -14.69 -4.48
CA GLU C 56 -3.86 -14.79 -5.00
C GLU C 56 -3.04 -13.66 -4.46
N ILE C 57 -3.66 -12.45 -4.40
CA ILE C 57 -3.02 -11.31 -3.84
C ILE C 57 -2.68 -11.55 -2.37
N LEU C 58 -3.57 -12.20 -1.63
CA LEU C 58 -3.26 -12.43 -0.22
C LEU C 58 -2.10 -13.46 -0.10
N ARG C 59 -2.08 -14.46 -0.97
CA ARG C 59 -1.00 -15.50 -0.90
C ARG C 59 0.38 -14.90 -1.26
N GLU C 60 0.41 -13.93 -2.18
CA GLU C 60 1.67 -13.27 -2.56
C GLU C 60 2.10 -12.28 -1.44
N THR C 61 1.14 -11.56 -0.88
CA THR C 61 1.34 -10.56 0.11
C THR C 61 1.69 -11.12 1.50
N TYR C 62 1.05 -12.24 1.85
CA TYR C 62 1.14 -12.73 3.21
C TYR C 62 1.48 -14.20 3.09
N PRO C 63 2.67 -14.51 2.56
CA PRO C 63 3.07 -15.93 2.45
C PRO C 63 3.03 -16.74 3.74
N GLU C 64 3.02 -16.08 4.89
CA GLU C 64 3.06 -16.79 6.15
C GLU C 64 1.65 -17.24 6.58
N LYS C 65 0.62 -16.65 5.97
CA LYS C 65 -0.78 -17.06 6.22
C LYS C 65 -1.24 -18.29 5.46
N ASN C 66 -2.35 -18.87 5.95
CA ASN C 66 -3.07 -19.89 5.24
C ASN C 66 -4.28 -19.30 4.54
N ILE C 67 -4.22 -19.24 3.20
CA ILE C 67 -5.27 -18.67 2.40
C ILE C 67 -5.97 -19.75 1.57
N PHE C 68 -7.28 -19.90 1.74
CA PHE C 68 -8.04 -20.89 0.98
C PHE C 68 -9.17 -20.29 0.13
N ALA C 69 -9.33 -20.78 -1.11
CA ALA C 69 -10.53 -20.45 -1.92
C ALA C 69 -11.40 -21.70 -2.09
N VAL C 70 -12.62 -21.63 -1.56
CA VAL C 70 -13.49 -22.81 -1.49
C VAL C 70 -14.65 -22.71 -2.43
N GLY C 71 -15.26 -23.88 -2.62
CA GLY C 71 -16.56 -24.03 -3.35
C GLY C 71 -16.43 -25.11 -4.40
N THR C 72 -17.51 -25.42 -5.12
CA THR C 72 -17.51 -26.34 -6.26
C THR C 72 -16.94 -25.69 -7.53
N PRO C 73 -15.92 -26.36 -8.15
CA PRO C 73 -15.39 -25.82 -9.43
C PRO C 73 -16.44 -25.76 -10.52
N GLU C 74 -16.32 -24.79 -11.42
CA GLU C 74 -17.19 -24.68 -12.59
C GLU C 74 -16.25 -25.09 -13.74
N PRO C 75 -16.49 -26.25 -14.35
CA PRO C 75 -15.61 -26.73 -15.41
C PRO C 75 -15.23 -25.74 -16.49
N SER C 76 -16.14 -24.92 -16.95
CA SER C 76 -15.80 -23.91 -17.95
C SER C 76 -14.91 -22.76 -17.44
N LEU C 77 -14.81 -22.62 -16.11
CA LEU C 77 -13.98 -21.55 -15.49
C LEU C 77 -12.74 -22.09 -14.76
N SER C 78 -12.61 -23.42 -14.67
CA SER C 78 -11.50 -23.96 -13.89
C SER C 78 -10.13 -23.56 -14.43
N PHE C 79 -10.01 -23.28 -15.72
CA PHE C 79 -8.66 -22.91 -16.24
C PHE C 79 -8.12 -21.68 -15.48
N LEU C 80 -9.01 -20.91 -14.87
CA LEU C 80 -8.57 -19.72 -14.16
C LEU C 80 -7.83 -20.01 -12.85
N TYR C 81 -8.36 -20.96 -12.06
CA TYR C 81 -7.82 -21.18 -10.70
C TYR C 81 -8.26 -22.53 -10.19
N SER C 82 -7.39 -23.16 -9.41
CA SER C 82 -7.77 -24.41 -8.73
C SER C 82 -8.26 -24.07 -7.32
N LEU C 83 -9.40 -24.64 -6.92
CA LEU C 83 -10.04 -24.32 -5.64
C LEU C 83 -9.48 -25.31 -4.58
N ASP C 84 -9.62 -24.99 -3.30
CA ASP C 84 -9.15 -25.84 -2.22
C ASP C 84 -10.20 -26.71 -1.52
N GLU C 85 -9.82 -27.88 -1.05
CA GLU C 85 -10.67 -28.60 -0.09
C GLU C 85 -10.26 -28.39 1.39
N VAL C 86 -11.21 -27.94 2.20
CA VAL C 86 -10.92 -27.48 3.57
C VAL C 86 -11.79 -28.28 4.58
N ASP C 87 -11.16 -28.73 5.65
CA ASP C 87 -11.78 -29.19 6.93
C ASP C 87 -12.63 -28.19 7.64
N ASN C 88 -13.64 -28.69 8.35
CA ASN C 88 -14.46 -27.83 9.22
C ASN C 88 -13.56 -27.06 10.24
N GLU C 89 -12.57 -27.75 10.76
CA GLU C 89 -11.64 -27.24 11.78
C GLU C 89 -10.84 -26.05 11.34
N THR C 90 -10.48 -26.06 10.09
CA THR C 90 -9.72 -24.99 9.41
C THR C 90 -10.51 -23.72 9.52
N TYR C 91 -11.84 -23.83 9.55
CA TYR C 91 -12.67 -22.61 9.83
C TYR C 91 -12.48 -22.04 11.28
N GLU C 92 -11.99 -22.80 12.23
CA GLU C 92 -11.86 -22.21 13.58
C GLU C 92 -10.94 -21.04 13.75
N GLY C 93 -11.51 -19.92 14.16
CA GLY C 93 -10.70 -18.74 14.36
C GLY C 93 -10.21 -18.07 13.13
N ALA C 94 -10.90 -18.36 12.05
CA ALA C 94 -10.50 -17.78 10.78
C ALA C 94 -11.37 -16.65 10.20
N LEU C 95 -10.71 -15.78 9.43
CA LEU C 95 -11.48 -14.78 8.69
C LEU C 95 -12.05 -15.42 7.40
N VAL C 96 -13.35 -15.27 7.17
CA VAL C 96 -14.03 -15.73 5.95
C VAL C 96 -14.41 -14.48 5.19
N ILE C 97 -14.15 -14.45 3.88
CA ILE C 97 -14.52 -13.26 3.04
C ILE C 97 -15.44 -13.78 1.93
N VAL C 98 -16.53 -13.06 1.64
CA VAL C 98 -17.43 -13.57 0.59
C VAL C 98 -17.57 -12.48 -0.49
N CYS C 99 -17.35 -12.84 -1.77
CA CYS C 99 -17.31 -11.83 -2.86
C CYS C 99 -18.47 -12.06 -3.77
N ASP C 100 -18.95 -11.01 -4.39
CA ASP C 100 -19.97 -11.09 -5.43
C ASP C 100 -21.25 -11.84 -5.11
N THR C 101 -21.67 -11.90 -3.86
CA THR C 101 -22.82 -12.74 -3.50
C THR C 101 -23.88 -11.96 -2.72
N ALA C 102 -24.94 -11.63 -3.42
CA ALA C 102 -25.99 -10.75 -2.77
C ALA C 102 -26.76 -11.45 -1.63
N ASN C 103 -26.91 -12.79 -1.69
CA ASN C 103 -27.81 -13.51 -0.77
C ASN C 103 -27.10 -14.67 -0.11
N GLN C 104 -27.17 -14.79 1.20
CA GLN C 104 -26.51 -15.86 1.90
C GLN C 104 -26.78 -17.24 1.38
N GLU C 105 -28.04 -17.56 1.14
CA GLU C 105 -28.49 -18.81 0.63
C GLU C 105 -27.86 -19.16 -0.74
N ARG C 106 -27.27 -18.20 -1.41
CA ARG C 106 -26.56 -18.43 -2.67
C ARG C 106 -25.02 -18.53 -2.48
N ILE C 107 -24.52 -18.42 -1.24
CA ILE C 107 -23.07 -18.51 -1.09
C ILE C 107 -22.72 -20.00 -1.30
N ASP C 108 -21.73 -20.27 -2.15
CA ASP C 108 -21.21 -21.61 -2.33
C ASP C 108 -20.30 -22.02 -1.15
N ASP C 109 -20.77 -23.06 -0.47
CA ASP C 109 -20.18 -23.60 0.74
C ASP C 109 -20.69 -22.81 1.94
N GLN C 110 -21.69 -23.41 2.56
CA GLN C 110 -22.42 -22.88 3.70
C GLN C 110 -21.73 -22.80 5.04
N ARG C 111 -20.43 -23.04 5.02
CA ARG C 111 -19.65 -22.96 6.24
C ARG C 111 -19.10 -21.57 6.42
N TYR C 112 -19.60 -20.63 5.62
CA TYR C 112 -19.12 -19.27 5.69
C TYR C 112 -19.24 -18.57 7.05
N PRO C 113 -20.31 -18.77 7.82
CA PRO C 113 -20.27 -18.03 9.11
C PRO C 113 -19.63 -18.84 10.25
N SER C 114 -18.90 -19.85 9.93
CA SER C 114 -18.32 -20.66 10.99
C SER C 114 -16.92 -20.18 11.36
N GLY C 115 -16.52 -18.97 10.88
CA GLY C 115 -15.23 -18.42 11.26
C GLY C 115 -15.35 -17.52 12.49
N ALA C 116 -14.26 -16.82 12.82
CA ALA C 116 -14.26 -15.90 13.94
C ALA C 116 -14.76 -14.53 13.47
N LYS C 117 -14.68 -14.33 12.17
CA LYS C 117 -15.14 -13.10 11.55
C LYS C 117 -15.64 -13.34 10.13
N LEU C 118 -16.54 -12.50 9.65
CA LEU C 118 -17.05 -12.64 8.30
C LEU C 118 -17.04 -11.30 7.57
N MET C 119 -16.58 -11.31 6.32
CA MET C 119 -16.44 -10.02 5.62
C MET C 119 -17.20 -10.17 4.33
N LYS C 120 -17.93 -9.12 3.94
CA LYS C 120 -18.67 -9.18 2.70
C LYS C 120 -18.18 -8.07 1.77
N ILE C 121 -17.86 -8.46 0.53
CA ILE C 121 -17.37 -7.54 -0.48
C ILE C 121 -18.24 -7.75 -1.69
N ASP C 122 -19.01 -6.73 -2.09
CA ASP C 122 -19.96 -6.97 -3.14
C ASP C 122 -20.40 -5.68 -3.83
N ALA C 123 -20.93 -5.80 -5.07
CA ALA C 123 -21.36 -4.63 -5.84
C ALA C 123 -22.84 -4.76 -6.17
N HIS C 124 -23.52 -5.72 -5.56
CA HIS C 124 -24.96 -5.87 -5.72
C HIS C 124 -25.67 -5.11 -4.61
N PRO C 125 -26.90 -4.68 -4.81
CA PRO C 125 -27.57 -3.94 -3.73
C PRO C 125 -27.57 -4.71 -2.39
N ASN C 126 -27.37 -3.94 -1.32
CA ASN C 126 -27.23 -4.50 0.00
C ASN C 126 -28.54 -4.95 0.71
N GLU C 127 -29.40 -5.71 0.02
CA GLU C 127 -30.68 -6.22 0.59
C GLU C 127 -30.50 -7.27 1.70
N ASP C 128 -29.35 -7.93 1.72
CA ASP C 128 -29.02 -8.96 2.69
C ASP C 128 -27.68 -8.56 3.28
N PRO C 129 -27.74 -7.75 4.33
CA PRO C 129 -26.54 -7.23 5.00
C PRO C 129 -25.81 -8.18 5.95
N TYR C 130 -25.16 -9.20 5.41
CA TYR C 130 -24.41 -10.10 6.27
C TYR C 130 -22.94 -9.67 6.49
N GLY C 131 -22.36 -10.23 7.55
CA GLY C 131 -20.94 -10.05 7.91
C GLY C 131 -20.67 -9.06 9.02
N ASP C 132 -19.55 -9.27 9.72
CA ASP C 132 -19.00 -8.30 10.69
C ASP C 132 -18.49 -7.02 10.03
N LEU C 133 -17.90 -7.15 8.84
CA LEU C 133 -17.47 -5.99 8.07
C LEU C 133 -18.09 -6.15 6.70
N LEU C 134 -18.46 -5.03 6.10
CA LEU C 134 -19.26 -5.11 4.89
C LEU C 134 -18.79 -4.01 4.00
N TRP C 135 -18.36 -4.33 2.78
CA TRP C 135 -18.02 -3.30 1.79
C TRP C 135 -18.89 -3.52 0.53
N VAL C 136 -19.86 -2.66 0.32
CA VAL C 136 -20.71 -2.76 -0.85
C VAL C 136 -20.63 -1.49 -1.69
N ASP C 137 -20.32 -1.63 -2.95
CA ASP C 137 -20.27 -0.49 -3.82
C ASP C 137 -21.04 -0.78 -5.13
N THR C 138 -22.28 -0.29 -5.19
CA THR C 138 -23.13 -0.59 -6.30
C THR C 138 -22.75 0.25 -7.52
N SER C 139 -21.78 1.16 -7.39
CA SER C 139 -21.29 1.90 -8.57
C SER C 139 -20.07 1.21 -9.18
N ALA C 140 -19.55 0.17 -8.53
CA ALA C 140 -18.49 -0.61 -9.15
C ALA C 140 -19.07 -1.38 -10.32
N SER C 141 -18.26 -1.55 -11.34
CA SER C 141 -18.58 -2.34 -12.51
C SER C 141 -18.74 -3.79 -12.15
N SER C 142 -18.12 -4.20 -11.07
CA SER C 142 -17.87 -5.62 -10.86
C SER C 142 -17.16 -5.71 -9.53
N VAL C 143 -17.28 -6.85 -8.89
CA VAL C 143 -16.49 -6.99 -7.70
C VAL C 143 -15.00 -7.06 -7.99
N SER C 144 -14.64 -7.41 -9.22
CA SER C 144 -13.17 -7.66 -9.52
C SER C 144 -12.60 -6.26 -9.51
N GLU C 145 -13.40 -5.29 -9.92
CA GLU C 145 -12.96 -3.91 -9.89
C GLU C 145 -12.74 -3.43 -8.46
N MET C 146 -13.62 -3.80 -7.55
CA MET C 146 -13.45 -3.50 -6.12
C MET C 146 -12.19 -4.12 -5.53
N ILE C 147 -11.90 -5.36 -5.90
CA ILE C 147 -10.67 -5.99 -5.42
C ILE C 147 -9.43 -5.24 -5.92
N TYR C 148 -9.48 -4.76 -7.17
CA TYR C 148 -8.37 -3.94 -7.66
C TYR C 148 -8.22 -2.67 -6.85
N GLU C 149 -9.34 -2.02 -6.57
CA GLU C 149 -9.30 -0.82 -5.77
C GLU C 149 -8.80 -1.14 -4.32
N LEU C 150 -9.22 -2.28 -3.79
CA LEU C 150 -8.74 -2.68 -2.47
C LEU C 150 -7.22 -2.74 -2.54
N TYR C 151 -6.73 -3.36 -3.60
CA TYR C 151 -5.28 -3.61 -3.75
C TYR C 151 -4.52 -2.27 -3.86
N LEU C 152 -5.09 -1.27 -4.56
CA LEU C 152 -4.51 0.08 -4.66
C LEU C 152 -4.30 0.72 -3.25
N GLU C 153 -5.30 0.60 -2.37
CA GLU C 153 -5.09 0.87 -0.94
C GLU C 153 -4.04 -0.05 -0.30
N GLY C 154 -4.18 -1.32 -0.54
CA GLY C 154 -3.24 -2.25 -0.02
C GLY C 154 -1.79 -1.91 -0.34
N LYS C 155 -1.56 -1.16 -1.41
CA LYS C 155 -0.18 -0.85 -1.73
C LYS C 155 0.43 -0.01 -0.64
N GLU C 156 -0.38 0.85 0.00
CA GLU C 156 0.07 1.65 1.15
C GLU C 156 0.38 0.72 2.33
N HIS C 157 0.31 -0.58 2.08
CA HIS C 157 0.45 -1.51 3.16
C HIS C 157 1.34 -2.63 2.76
N GLY C 158 2.04 -2.54 1.61
CA GLY C 158 2.87 -3.73 1.17
C GLY C 158 2.22 -4.84 0.35
N TRP C 159 0.94 -4.65 -0.01
CA TRP C 159 0.29 -5.62 -0.92
C TRP C 159 0.92 -5.73 -2.29
N LYS C 160 1.10 -6.97 -2.75
CA LYS C 160 1.67 -7.24 -4.07
C LYS C 160 0.69 -7.96 -5.01
N LEU C 161 0.73 -7.57 -6.28
CA LEU C 161 -0.11 -8.13 -7.37
C LEU C 161 0.76 -8.86 -8.32
N ASN C 162 0.59 -10.18 -8.41
CA ASN C 162 1.30 -10.91 -9.46
C ASN C 162 0.53 -11.05 -10.82
N THR C 163 1.14 -11.68 -11.81
CA THR C 163 0.53 -12.00 -13.11
C THR C 163 -0.79 -12.78 -13.05
N LYS C 164 -0.81 -13.90 -12.31
CA LYS C 164 -2.00 -14.68 -12.08
C LYS C 164 -3.12 -13.89 -11.42
N ALA C 165 -2.81 -13.10 -10.40
CA ALA C 165 -3.83 -12.29 -9.80
C ALA C 165 -4.31 -11.21 -10.79
N ALA C 166 -3.40 -10.69 -11.63
CA ALA C 166 -3.86 -9.58 -12.62
C ALA C 166 -4.84 -10.15 -13.66
N GLU C 167 -4.53 -11.35 -14.12
CA GLU C 167 -5.35 -12.08 -15.07
C GLU C 167 -6.77 -12.40 -14.53
N LEU C 168 -6.83 -12.94 -13.29
CA LEU C 168 -8.09 -13.17 -12.59
C LEU C 168 -8.94 -11.91 -12.56
N ILE C 169 -8.37 -10.80 -12.08
CA ILE C 169 -9.17 -9.54 -11.96
C ILE C 169 -9.63 -9.05 -13.33
N TYR C 170 -8.73 -9.21 -14.28
CA TYR C 170 -9.03 -8.84 -15.67
C TYR C 170 -10.16 -9.68 -16.20
N ALA C 171 -10.08 -11.01 -15.99
CA ALA C 171 -11.19 -11.87 -16.42
C ALA C 171 -12.56 -11.44 -15.81
N GLY C 172 -12.58 -11.14 -14.49
CA GLY C 172 -13.81 -10.81 -13.82
C GLY C 172 -14.39 -9.50 -14.36
N ILE C 173 -13.54 -8.52 -14.68
CA ILE C 173 -14.04 -7.26 -15.23
C ILE C 173 -14.70 -7.44 -16.60
N VAL C 174 -13.99 -8.12 -17.49
CA VAL C 174 -14.39 -8.42 -18.84
C VAL C 174 -15.63 -9.29 -18.79
N GLY C 175 -15.69 -10.28 -17.91
CA GLY C 175 -16.91 -11.07 -17.91
C GLY C 175 -18.11 -10.17 -17.56
N ASP C 176 -17.97 -9.33 -16.54
CA ASP C 176 -19.03 -8.51 -16.05
C ASP C 176 -19.41 -7.31 -16.89
N THR C 177 -18.50 -6.81 -17.70
CA THR C 177 -18.82 -5.64 -18.63
C THR C 177 -18.99 -6.03 -20.10
N GLY C 178 -18.93 -7.33 -20.37
CA GLY C 178 -18.97 -7.92 -21.71
C GLY C 178 -17.82 -7.39 -22.56
N ARG C 179 -16.67 -7.19 -21.93
CA ARG C 179 -15.46 -6.68 -22.58
C ARG C 179 -15.50 -5.19 -22.91
N PHE C 180 -15.99 -4.43 -21.95
CA PHE C 180 -16.10 -2.96 -22.01
C PHE C 180 -17.21 -2.43 -22.91
N LEU C 181 -18.25 -3.26 -23.14
CA LEU C 181 -19.43 -2.91 -23.94
C LEU C 181 -20.60 -2.37 -23.13
N PHE C 182 -20.90 -3.06 -22.01
CA PHE C 182 -22.05 -2.66 -21.15
C PHE C 182 -21.89 -1.34 -20.40
N PRO C 183 -23.03 -0.69 -20.09
CA PRO C 183 -22.97 0.68 -19.56
C PRO C 183 -22.41 0.72 -18.14
N ASN C 184 -22.24 -0.41 -17.47
CA ASN C 184 -21.51 -0.40 -16.18
C ASN C 184 -19.96 -0.19 -16.38
N THR C 185 -19.55 0.09 -17.63
CA THR C 185 -18.12 0.42 -17.92
C THR C 185 -17.96 1.87 -17.68
N THR C 186 -17.00 2.21 -16.84
CA THR C 186 -16.71 3.58 -16.50
C THR C 186 -15.27 3.85 -16.89
N GLU C 187 -14.88 5.12 -16.90
CA GLU C 187 -13.50 5.47 -17.26
C GLU C 187 -12.61 4.63 -16.36
N LYS C 188 -12.91 4.71 -15.06
CA LYS C 188 -12.22 3.99 -14.02
C LYS C 188 -11.99 2.55 -14.47
N THR C 189 -13.07 1.82 -14.78
CA THR C 189 -12.98 0.45 -15.26
C THR C 189 -11.89 0.37 -16.34
N LEU C 190 -11.90 1.34 -17.27
CA LEU C 190 -10.93 1.28 -18.37
C LEU C 190 -9.46 1.48 -17.87
N LYS C 191 -9.24 2.37 -16.93
CA LYS C 191 -7.92 2.55 -16.38
C LYS C 191 -7.38 1.35 -15.66
N TYR C 192 -8.19 0.76 -14.82
CA TYR C 192 -7.82 -0.40 -14.09
C TYR C 192 -7.49 -1.50 -15.07
N ALA C 193 -8.35 -1.69 -16.06
CA ALA C 193 -8.13 -2.71 -17.06
C ALA C 193 -6.79 -2.48 -17.74
N GLY C 194 -6.44 -1.20 -17.92
CA GLY C 194 -5.18 -0.84 -18.53
C GLY C 194 -4.02 -1.32 -17.70
N GLU C 195 -4.00 -0.93 -16.43
CA GLU C 195 -2.96 -1.34 -15.54
C GLU C 195 -2.82 -2.84 -15.48
N LEU C 196 -3.92 -3.56 -15.53
CA LEU C 196 -3.85 -5.03 -15.46
C LEU C 196 -3.23 -5.68 -16.70
N ILE C 197 -3.58 -5.20 -17.86
CA ILE C 197 -3.13 -5.78 -19.11
C ILE C 197 -1.64 -5.87 -19.36
N GLN C 198 -0.94 -4.99 -18.68
CA GLN C 198 0.50 -4.89 -18.74
C GLN C 198 1.18 -6.10 -18.11
N TYR C 199 0.44 -6.88 -17.35
CA TYR C 199 1.00 -8.08 -16.76
C TYR C 199 1.12 -9.11 -17.88
N PRO C 200 2.10 -10.02 -17.81
CA PRO C 200 2.29 -10.99 -18.94
C PRO C 200 1.37 -12.19 -18.96
N PHE C 201 0.08 -12.00 -18.80
CA PHE C 201 -0.82 -13.12 -19.06
C PHE C 201 -1.28 -13.06 -20.53
N SER C 202 -1.80 -14.16 -21.06
CA SER C 202 -2.27 -14.18 -22.44
C SER C 202 -3.76 -13.85 -22.47
N SER C 203 -4.07 -12.64 -22.94
CA SER C 203 -5.43 -12.18 -23.11
C SER C 203 -6.12 -12.94 -24.22
N SER C 204 -5.35 -13.41 -25.22
CA SER C 204 -5.87 -14.25 -26.28
C SER C 204 -6.30 -15.66 -25.74
N GLU C 205 -5.47 -16.33 -24.95
CA GLU C 205 -5.97 -17.62 -24.42
C GLU C 205 -7.14 -17.37 -23.45
N LEU C 206 -7.07 -16.28 -22.68
CA LEU C 206 -8.15 -15.86 -21.77
C LEU C 206 -9.52 -15.73 -22.51
N PHE C 207 -9.53 -14.96 -23.57
CA PHE C 207 -10.73 -14.72 -24.34
C PHE C 207 -11.18 -15.99 -25.02
N ASN C 208 -10.22 -16.72 -25.52
CA ASN C 208 -10.51 -17.98 -26.12
C ASN C 208 -11.35 -18.80 -25.16
N GLN C 209 -10.88 -18.84 -23.93
CA GLN C 209 -11.52 -19.59 -22.86
C GLN C 209 -12.85 -18.98 -22.42
N LEU C 210 -12.95 -17.65 -22.38
CA LEU C 210 -14.22 -17.07 -21.96
C LEU C 210 -15.35 -17.18 -22.99
N TYR C 211 -15.01 -17.15 -24.28
CA TYR C 211 -15.99 -17.05 -25.39
C TYR C 211 -16.48 -18.37 -25.95
N GLU C 212 -15.85 -19.42 -25.48
CA GLU C 212 -16.19 -20.74 -25.89
C GLU C 212 -17.68 -21.10 -25.81
N THR C 213 -18.25 -21.48 -26.94
CA THR C 213 -19.66 -21.77 -27.04
C THR C 213 -19.97 -23.14 -27.62
N LYS C 214 -20.80 -23.89 -26.90
CA LYS C 214 -21.27 -25.21 -27.35
C LYS C 214 -21.87 -25.14 -28.76
N LEU C 215 -21.47 -26.12 -29.58
CA LEU C 215 -21.92 -26.22 -30.98
C LEU C 215 -23.47 -26.22 -31.18
N ASN C 216 -24.18 -26.94 -30.31
CA ASN C 216 -25.62 -27.00 -30.44
C ASN C 216 -26.27 -25.62 -30.30
N VAL C 217 -25.74 -24.79 -29.42
CA VAL C 217 -26.17 -23.36 -29.26
C VAL C 217 -25.85 -22.40 -30.47
N VAL C 218 -24.64 -22.56 -31.04
CA VAL C 218 -24.20 -21.84 -32.26
C VAL C 218 -25.11 -22.23 -33.40
N LYS C 219 -25.45 -23.53 -33.47
CA LYS C 219 -26.38 -24.00 -34.51
C LYS C 219 -27.81 -23.42 -34.36
N LEU C 220 -28.30 -23.41 -33.13
CA LEU C 220 -29.58 -22.75 -32.83
C LEU C 220 -29.47 -21.29 -33.14
N ASN C 221 -28.34 -20.66 -32.80
CA ASN C 221 -28.14 -19.27 -33.20
C ASN C 221 -28.19 -19.06 -34.74
N GLY C 222 -27.51 -19.94 -35.47
CA GLY C 222 -27.75 -20.15 -36.93
C GLY C 222 -29.21 -20.20 -37.41
N PHE C 223 -30.01 -21.07 -36.78
CA PHE C 223 -31.39 -21.15 -37.15
C PHE C 223 -32.09 -19.80 -36.99
N ILE C 224 -31.81 -19.15 -35.87
CA ILE C 224 -32.42 -17.89 -35.52
C ILE C 224 -32.06 -16.85 -36.55
N PHE C 225 -30.78 -16.74 -36.88
CA PHE C 225 -30.30 -15.77 -37.88
C PHE C 225 -30.97 -16.03 -39.27
N GLN C 226 -31.01 -17.28 -39.70
CA GLN C 226 -31.66 -17.64 -40.97
C GLN C 226 -33.16 -17.39 -41.07
N ASN C 227 -33.86 -17.44 -39.93
CA ASN C 227 -35.31 -17.45 -39.94
C ASN C 227 -35.93 -16.17 -39.47
N VAL C 228 -35.11 -15.20 -39.11
CA VAL C 228 -35.64 -13.88 -38.73
C VAL C 228 -36.47 -13.25 -39.90
N SER C 229 -37.61 -12.65 -39.57
CA SER C 229 -38.34 -11.80 -40.54
C SER C 229 -38.22 -10.39 -40.15
N LEU C 230 -38.04 -9.50 -41.13
CA LEU C 230 -37.85 -8.11 -40.85
C LEU C 230 -38.71 -7.29 -41.81
N SER C 231 -39.55 -6.43 -41.27
CA SER C 231 -40.43 -5.57 -42.10
C SER C 231 -39.83 -4.21 -42.53
N GLU C 232 -40.51 -3.60 -43.52
CA GLU C 232 -40.10 -2.28 -44.03
C GLU C 232 -39.85 -1.37 -42.88
N ASN C 233 -40.54 -1.58 -41.78
CA ASN C 233 -40.50 -0.64 -40.66
C ASN C 233 -39.63 -0.97 -39.47
N GLY C 234 -38.85 -2.02 -39.60
CA GLY C 234 -37.94 -2.37 -38.53
C GLY C 234 -38.39 -3.36 -37.49
N ALA C 235 -39.59 -3.94 -37.65
CA ALA C 235 -40.15 -4.89 -36.67
C ALA C 235 -39.66 -6.25 -37.09
N ALA C 236 -39.22 -7.06 -36.13
CA ALA C 236 -38.61 -8.33 -36.53
C ALA C 236 -39.12 -9.51 -35.63
N SER C 237 -39.06 -10.76 -36.10
CA SER C 237 -39.57 -11.84 -35.24
C SER C 237 -38.90 -13.11 -35.59
N VAL C 238 -38.82 -13.98 -34.61
CA VAL C 238 -38.29 -15.29 -34.82
C VAL C 238 -39.17 -16.19 -33.95
N PHE C 239 -39.52 -17.36 -34.50
CA PHE C 239 -40.26 -18.38 -33.80
C PHE C 239 -39.34 -19.54 -33.61
N ILE C 240 -39.28 -20.03 -32.36
CA ILE C 240 -38.44 -21.21 -32.04
C ILE C 240 -39.34 -22.28 -31.41
N LYS C 241 -39.67 -23.33 -32.18
CA LYS C 241 -40.72 -24.24 -31.76
C LYS C 241 -40.02 -25.51 -31.20
N LYS C 242 -40.74 -26.38 -30.50
CA LYS C 242 -40.09 -27.59 -29.93
C LYS C 242 -39.31 -28.44 -30.89
N ASP C 243 -39.80 -28.55 -32.13
CA ASP C 243 -39.10 -29.31 -33.14
C ASP C 243 -37.69 -28.73 -33.22
N THR C 244 -37.63 -27.43 -33.47
CA THR C 244 -36.35 -26.72 -33.53
C THR C 244 -35.46 -26.98 -32.29
N LEU C 245 -36.02 -26.89 -31.07
CA LEU C 245 -35.24 -27.21 -29.83
C LEU C 245 -34.80 -28.64 -29.75
N GLU C 246 -35.67 -29.56 -30.17
CA GLU C 246 -35.30 -31.00 -30.13
C GLU C 246 -34.25 -31.28 -31.19
N LYS C 247 -34.45 -30.78 -32.39
CA LYS C 247 -33.42 -30.92 -33.44
C LYS C 247 -32.00 -30.62 -32.87
N PHE C 248 -31.85 -29.44 -32.30
CA PHE C 248 -30.54 -29.01 -31.85
C PHE C 248 -30.18 -29.48 -30.49
N GLY C 249 -31.14 -30.04 -29.77
CA GLY C 249 -30.89 -30.47 -28.40
C GLY C 249 -30.62 -29.31 -27.46
N THR C 250 -31.33 -28.20 -27.63
CA THR C 250 -31.11 -27.01 -26.82
C THR C 250 -32.34 -26.84 -25.93
N THR C 251 -32.16 -26.32 -24.72
CA THR C 251 -33.34 -26.06 -23.86
C THR C 251 -34.02 -24.72 -24.27
N ALA C 252 -35.23 -24.45 -23.77
CA ALA C 252 -35.92 -23.15 -23.99
C ALA C 252 -35.10 -22.05 -23.35
N SER C 253 -34.46 -22.38 -22.25
CA SER C 253 -33.60 -21.44 -21.55
C SER C 253 -32.39 -20.96 -22.38
N GLU C 254 -31.62 -21.94 -22.90
CA GLU C 254 -30.55 -21.68 -23.89
C GLU C 254 -31.05 -20.83 -25.09
N ALA C 255 -32.20 -21.15 -25.67
CA ALA C 255 -32.76 -20.25 -26.70
C ALA C 255 -33.10 -18.84 -26.23
N SER C 256 -33.55 -18.73 -24.98
CA SER C 256 -33.92 -17.43 -24.42
C SER C 256 -32.73 -16.49 -24.41
N GLN C 257 -31.59 -17.01 -23.96
CA GLN C 257 -30.36 -16.25 -23.89
C GLN C 257 -29.93 -15.62 -25.23
N LEU C 258 -30.42 -16.17 -26.36
CA LEU C 258 -30.09 -15.68 -27.72
C LEU C 258 -30.96 -14.49 -28.20
N VAL C 259 -31.91 -14.06 -27.36
CA VAL C 259 -32.81 -12.95 -27.77
C VAL C 259 -32.09 -11.68 -28.22
N GLY C 260 -31.04 -11.28 -27.51
CA GLY C 260 -30.26 -10.07 -27.91
C GLY C 260 -29.41 -10.16 -29.20
N THR C 261 -29.14 -11.36 -29.70
CA THR C 261 -28.30 -11.54 -30.90
C THR C 261 -28.78 -10.87 -32.22
N LEU C 262 -30.04 -10.44 -32.24
CA LEU C 262 -30.64 -9.76 -33.39
C LEU C 262 -30.29 -8.28 -33.43
N GLY C 263 -29.64 -7.79 -32.36
CA GLY C 263 -29.50 -6.33 -32.12
C GLY C 263 -28.70 -5.53 -33.17
N ASN C 264 -27.86 -6.23 -33.91
CA ASN C 264 -27.00 -5.61 -34.93
C ASN C 264 -27.44 -5.83 -36.37
N ILE C 265 -28.64 -6.39 -36.57
CA ILE C 265 -29.25 -6.35 -37.91
C ILE C 265 -29.55 -4.92 -38.42
N SER C 266 -28.99 -4.59 -39.58
CA SER C 266 -29.23 -3.25 -40.18
C SER C 266 -30.72 -2.95 -40.37
N GLY C 267 -31.21 -1.85 -39.81
CA GLY C 267 -32.61 -1.48 -39.91
C GLY C 267 -33.55 -2.05 -38.83
N ILE C 268 -33.03 -2.84 -37.89
CA ILE C 268 -33.92 -3.42 -36.89
C ILE C 268 -34.29 -2.33 -35.89
N ARG C 269 -35.57 -2.26 -35.53
CA ARG C 269 -35.93 -1.34 -34.48
C ARG C 269 -36.46 -2.04 -33.27
N ALA C 270 -37.31 -3.04 -33.45
CA ALA C 270 -37.84 -3.78 -32.34
C ALA C 270 -38.14 -5.25 -32.71
N TRP C 271 -38.04 -6.12 -31.75
CA TRP C 271 -38.23 -7.49 -32.13
C TRP C 271 -38.86 -8.31 -31.08
N VAL C 272 -39.39 -9.44 -31.54
CA VAL C 272 -40.06 -10.38 -30.69
C VAL C 272 -39.54 -11.76 -30.98
N PHE C 273 -39.36 -12.47 -29.87
CA PHE C 273 -38.86 -13.82 -29.78
C PHE C 273 -39.95 -14.71 -29.22
N PHE C 274 -40.42 -15.69 -29.99
CA PHE C 274 -41.46 -16.58 -29.48
C PHE C 274 -40.78 -17.92 -29.26
N VAL C 275 -40.83 -18.43 -28.04
CA VAL C 275 -40.15 -19.76 -27.74
C VAL C 275 -41.21 -20.71 -27.17
N GLU C 276 -41.51 -21.78 -27.87
CA GLU C 276 -42.52 -22.76 -27.46
C GLU C 276 -41.98 -23.57 -26.30
N GLU C 277 -42.61 -23.44 -25.12
CA GLU C 277 -42.24 -24.26 -23.92
C GLU C 277 -43.29 -25.29 -23.56
N ASP C 278 -43.09 -26.10 -22.53
CA ASP C 278 -44.06 -27.15 -22.15
C ASP C 278 -45.48 -26.62 -21.90
N ASP C 279 -45.58 -25.49 -21.23
CA ASP C 279 -46.88 -24.95 -20.77
C ASP C 279 -47.24 -23.59 -21.29
N GLN C 280 -46.44 -23.00 -22.16
CA GLN C 280 -46.72 -21.62 -22.68
C GLN C 280 -45.86 -21.39 -23.88
N ILE C 281 -46.20 -20.41 -24.70
CA ILE C 281 -45.26 -19.83 -25.60
C ILE C 281 -44.71 -18.58 -24.86
N ARG C 282 -43.40 -18.59 -24.59
CA ARG C 282 -42.71 -17.46 -23.92
C ARG C 282 -42.47 -16.41 -24.96
N VAL C 283 -42.92 -15.18 -24.72
CA VAL C 283 -42.68 -14.08 -25.61
C VAL C 283 -41.59 -13.16 -24.98
N ARG C 284 -40.59 -12.70 -25.74
CA ARG C 284 -39.64 -11.69 -25.24
C ARG C 284 -39.56 -10.58 -26.23
N PHE C 285 -39.68 -9.36 -25.73
CA PHE C 285 -39.62 -8.21 -26.63
C PHE C 285 -38.31 -7.51 -26.34
N ARG C 286 -37.64 -6.97 -27.37
CA ARG C 286 -36.53 -6.06 -27.19
C ARG C 286 -36.62 -4.95 -28.21
N SER C 287 -35.98 -3.80 -27.94
CA SER C 287 -36.09 -2.63 -28.84
C SER C 287 -34.81 -1.80 -28.76
N LYS C 288 -34.47 -1.20 -29.90
CA LYS C 288 -33.34 -0.28 -30.02
C LYS C 288 -33.90 1.11 -29.77
N GLY C 289 -35.17 1.30 -30.12
CA GLY C 289 -35.81 2.60 -29.96
C GLY C 289 -37.25 2.75 -29.46
N PRO C 290 -38.23 2.10 -30.09
CA PRO C 290 -39.61 2.30 -29.63
C PRO C 290 -39.88 1.57 -28.29
N VAL C 291 -40.59 2.25 -27.39
CA VAL C 291 -41.06 1.74 -26.12
C VAL C 291 -42.04 0.60 -26.44
N ILE C 292 -41.66 -0.61 -26.00
CA ILE C 292 -42.48 -1.81 -26.14
C ILE C 292 -43.05 -2.44 -24.84
N ASN C 293 -42.82 -1.86 -23.64
CA ASN C 293 -43.39 -2.51 -22.45
C ASN C 293 -44.90 -2.31 -22.34
N GLY C 294 -45.44 -1.24 -22.96
CA GLY C 294 -46.91 -1.14 -23.16
C GLY C 294 -47.56 -2.28 -23.96
N LEU C 295 -46.81 -2.85 -24.92
CA LEU C 295 -47.31 -3.93 -25.73
C LEU C 295 -47.26 -5.25 -24.92
N ALA C 296 -46.15 -5.46 -24.23
CA ALA C 296 -46.05 -6.46 -23.16
C ALA C 296 -47.29 -6.44 -22.26
N ARG C 297 -47.68 -5.28 -21.72
CA ARG C 297 -48.91 -5.20 -20.87
C ARG C 297 -50.16 -5.61 -21.59
N LYS C 298 -50.35 -5.10 -22.83
CA LYS C 298 -51.53 -5.52 -23.58
C LYS C 298 -51.71 -7.03 -23.58
N TYR C 299 -50.59 -7.76 -23.56
CA TYR C 299 -50.67 -9.21 -23.61
C TYR C 299 -50.40 -9.82 -22.24
N ASN C 300 -50.68 -9.03 -21.21
CA ASN C 300 -50.71 -9.47 -19.78
C ASN C 300 -49.31 -9.75 -19.20
N GLY C 301 -48.26 -9.18 -19.80
CA GLY C 301 -46.89 -9.23 -19.30
C GLY C 301 -46.48 -7.84 -18.85
N GLY C 302 -45.18 -7.52 -18.97
CA GLY C 302 -44.64 -6.22 -18.63
C GLY C 302 -43.12 -6.22 -18.70
N GLY C 303 -42.50 -5.14 -18.24
CA GLY C 303 -41.05 -5.06 -18.06
C GLY C 303 -40.49 -3.67 -18.34
N HIS C 304 -39.22 -3.62 -18.68
CA HIS C 304 -38.53 -2.38 -19.00
C HIS C 304 -38.93 -1.95 -20.41
N PRO C 305 -38.91 -0.63 -20.69
CA PRO C 305 -39.36 -0.08 -21.97
C PRO C 305 -38.68 -0.64 -23.22
N LEU C 306 -37.46 -1.18 -23.08
CA LEU C 306 -36.76 -1.82 -24.20
C LEU C 306 -36.55 -3.34 -24.04
N ALA C 307 -37.09 -3.90 -22.96
CA ALA C 307 -36.86 -5.32 -22.65
C ALA C 307 -38.00 -5.75 -21.78
N SER C 308 -38.97 -6.41 -22.40
CA SER C 308 -40.21 -6.88 -21.75
C SER C 308 -40.52 -8.37 -22.10
N GLY C 309 -41.52 -8.93 -21.44
CA GLY C 309 -41.86 -10.40 -21.62
C GLY C 309 -43.36 -10.60 -21.42
N ALA C 310 -43.95 -11.58 -22.07
CA ALA C 310 -45.32 -11.98 -21.80
C ALA C 310 -45.38 -13.48 -22.03
N SER C 311 -46.49 -14.14 -21.62
CA SER C 311 -46.70 -15.58 -21.80
C SER C 311 -48.02 -15.74 -22.56
N ILE C 312 -48.00 -16.48 -23.67
CA ILE C 312 -49.21 -16.78 -24.45
C ILE C 312 -49.43 -18.26 -24.72
N TYR C 313 -50.63 -18.58 -25.21
CA TYR C 313 -51.08 -19.95 -25.29
C TYR C 313 -51.57 -20.46 -26.64
N SER C 314 -51.40 -19.68 -27.71
CA SER C 314 -51.71 -20.13 -29.09
C SER C 314 -50.90 -19.32 -30.11
N TRP C 315 -50.68 -19.94 -31.28
CA TRP C 315 -49.96 -19.30 -32.38
C TRP C 315 -50.74 -18.11 -32.94
N ASP C 316 -52.05 -18.21 -32.88
CA ASP C 316 -52.95 -17.18 -33.32
C ASP C 316 -52.73 -15.88 -32.51
N GLU C 317 -52.62 -16.00 -31.20
CA GLU C 317 -52.14 -14.90 -30.34
C GLU C 317 -50.75 -14.33 -30.76
N ALA C 318 -49.79 -15.19 -31.10
CA ALA C 318 -48.50 -14.71 -31.61
C ALA C 318 -48.66 -13.79 -32.83
N ASP C 319 -49.51 -14.20 -33.78
CA ASP C 319 -49.75 -13.37 -34.97
C ASP C 319 -50.31 -12.01 -34.60
N ARG C 320 -51.13 -11.95 -33.57
CA ARG C 320 -51.69 -10.69 -33.10
C ARG C 320 -50.60 -9.79 -32.56
N ILE C 321 -49.75 -10.35 -31.73
CA ILE C 321 -48.53 -9.65 -31.23
C ILE C 321 -47.71 -9.09 -32.42
N LEU C 322 -47.52 -9.88 -33.48
CA LEU C 322 -46.80 -9.38 -34.69
C LEU C 322 -47.47 -8.19 -35.38
N ALA C 323 -48.81 -8.24 -35.54
CA ALA C 323 -49.53 -7.07 -36.11
C ALA C 323 -49.30 -5.87 -35.22
N ASP C 324 -49.36 -6.06 -33.91
CA ASP C 324 -49.18 -4.96 -32.98
C ASP C 324 -47.78 -4.36 -33.00
N LEU C 325 -46.77 -5.23 -33.08
CA LEU C 325 -45.37 -4.77 -33.22
C LEU C 325 -45.20 -3.90 -34.48
N GLU C 326 -45.80 -4.36 -35.57
CA GLU C 326 -45.73 -3.71 -36.85
C GLU C 326 -46.29 -2.31 -36.76
N THR C 327 -47.51 -2.21 -36.24
CA THR C 327 -48.18 -0.95 -35.98
C THR C 327 -47.34 -0.03 -35.09
N LEU C 328 -46.73 -0.58 -34.05
CA LEU C 328 -45.95 0.24 -33.15
C LEU C 328 -44.67 0.78 -33.83
N CYS C 329 -44.03 -0.06 -34.64
CA CYS C 329 -42.78 0.31 -35.30
C CYS C 329 -43.03 1.34 -36.37
N LYS C 330 -44.20 1.23 -36.98
CA LYS C 330 -44.60 2.15 -38.04
C LYS C 330 -45.10 3.47 -37.46
N GLU C 331 -45.23 3.52 -36.14
CA GLU C 331 -45.69 4.73 -35.46
C GLU C 331 -46.90 5.32 -36.17
N SER D 17 30.89 13.80 54.81
CA SER D 17 30.06 12.60 54.83
C SER D 17 28.59 12.96 54.65
N MET D 18 27.71 11.98 54.87
CA MET D 18 26.28 12.18 54.73
C MET D 18 25.82 13.40 55.52
N ALA D 19 26.39 13.59 56.70
CA ALA D 19 26.03 14.72 57.55
C ALA D 19 26.64 16.02 57.03
N SER D 20 27.91 15.96 56.65
CA SER D 20 28.61 17.13 56.13
C SER D 20 27.88 17.72 54.93
N MET D 21 27.43 16.81 54.03
CA MET D 21 26.70 17.23 52.84
C MET D 21 25.52 18.13 53.20
N LYS D 22 24.58 17.57 53.96
CA LYS D 22 23.40 18.32 54.38
C LYS D 22 23.77 19.71 54.88
N THR D 23 24.78 19.77 55.74
CA THR D 23 25.23 21.05 56.30
C THR D 23 25.67 21.98 55.17
N GLU D 24 26.38 21.40 54.20
CA GLU D 24 26.80 22.18 53.08
C GLU D 24 25.64 22.68 52.19
N LEU D 25 24.64 21.83 51.97
CA LEU D 25 23.43 22.25 51.26
C LEU D 25 22.76 23.41 51.97
N ILE D 26 22.66 23.29 53.30
CA ILE D 26 21.97 24.31 54.10
C ILE D 26 22.70 25.64 53.98
N ARG D 27 24.02 25.52 54.10
CA ARG D 27 24.93 26.65 53.96
C ARG D 27 24.90 27.31 52.58
N THR D 28 25.00 26.54 51.53
CA THR D 28 24.71 27.02 50.19
C THR D 28 23.28 27.43 50.09
N ILE D 29 22.31 26.84 50.82
CA ILE D 29 21.04 27.57 50.69
C ILE D 29 20.84 28.94 51.32
N SER D 30 21.48 29.09 52.42
CA SER D 30 21.36 30.39 53.09
C SER D 30 22.08 31.48 52.31
N LEU D 31 23.13 31.14 51.58
CA LEU D 31 23.92 32.13 50.82
C LEU D 31 23.32 32.73 49.53
N TYR D 32 22.32 32.09 48.93
CA TYR D 32 21.73 32.61 47.69
C TYR D 32 20.31 33.00 47.92
N ASP D 33 19.98 34.25 47.67
CA ASP D 33 18.63 34.77 47.94
C ASP D 33 17.63 34.49 46.77
N THR D 34 18.10 33.94 45.67
CA THR D 34 17.21 33.46 44.65
C THR D 34 17.46 32.00 44.52
N ILE D 35 16.38 31.24 44.73
CA ILE D 35 16.46 29.78 44.61
C ILE D 35 15.39 29.20 43.67
N ILE D 36 15.82 28.31 42.75
CA ILE D 36 14.93 27.72 41.72
C ILE D 36 15.03 26.23 41.78
N LEU D 37 13.85 25.60 41.91
CA LEU D 37 13.71 24.19 42.16
C LEU D 37 13.00 23.52 40.98
N HIS D 38 13.59 22.40 40.54
CA HIS D 38 13.14 21.66 39.36
C HIS D 38 12.86 20.24 39.79
N ARG D 39 12.10 19.48 39.02
CA ARG D 39 12.17 18.02 39.12
C ARG D 39 12.03 17.42 37.69
N HIS D 40 11.62 16.15 37.61
CA HIS D 40 11.58 15.43 36.32
C HIS D 40 10.35 15.73 35.43
N VAL D 41 10.55 15.53 34.12
CA VAL D 41 9.45 15.42 33.15
C VAL D 41 8.50 14.31 33.59
N ARG D 42 7.22 14.55 33.38
CA ARG D 42 6.12 13.59 33.66
C ARG D 42 6.22 13.30 35.17
N PRO D 43 5.96 14.35 35.97
CA PRO D 43 6.13 14.36 37.44
C PRO D 43 5.21 13.32 38.13
N ASP D 44 5.72 12.64 39.16
CA ASP D 44 4.89 11.77 39.97
C ASP D 44 4.71 12.41 41.35
N PRO D 45 4.07 11.68 42.32
CA PRO D 45 4.00 12.37 43.63
C PRO D 45 5.30 12.78 44.25
N ASP D 46 6.28 11.88 44.27
CA ASP D 46 7.53 12.22 44.88
C ASP D 46 8.28 13.37 44.26
N ALA D 47 8.08 13.58 42.96
CA ALA D 47 8.71 14.68 42.29
C ALA D 47 8.06 16.01 42.81
N TYR D 48 6.73 16.03 43.03
CA TYR D 48 6.06 17.27 43.55
C TYR D 48 6.38 17.50 45.06
N GLY D 49 6.57 16.39 45.75
CA GLY D 49 6.65 16.36 47.19
C GLY D 49 8.03 16.86 47.59
N SER D 50 9.01 16.48 46.78
CA SER D 50 10.37 16.84 47.06
C SER D 50 10.61 18.26 46.62
N GLN D 51 10.43 18.51 45.34
CA GLN D 51 10.58 19.85 44.80
C GLN D 51 9.74 20.85 45.58
N CYS D 52 8.41 20.62 45.65
CA CYS D 52 7.53 21.60 46.30
C CYS D 52 7.58 21.46 47.83
N GLY D 53 7.89 20.27 48.38
CA GLY D 53 8.14 20.20 49.83
C GLY D 53 9.27 21.18 50.25
N LEU D 54 10.33 21.31 49.46
CA LEU D 54 11.44 22.21 49.77
C LEU D 54 11.09 23.66 49.50
N THR D 55 10.45 23.93 48.39
CA THR D 55 10.00 25.31 48.14
C THR D 55 9.30 25.92 49.33
N GLU D 56 8.26 25.26 49.79
CA GLU D 56 7.45 25.68 50.91
C GLU D 56 8.24 25.80 52.26
N ILE D 57 9.07 24.81 52.60
CA ILE D 57 9.95 24.96 53.74
C ILE D 57 10.90 26.14 53.54
N LEU D 58 11.48 26.28 52.37
CA LEU D 58 12.36 27.43 52.16
C LEU D 58 11.56 28.72 52.24
N ARG D 59 10.31 28.70 51.77
CA ARG D 59 9.48 29.95 51.79
C ARG D 59 9.11 30.37 53.19
N GLU D 60 8.84 29.37 54.03
CA GLU D 60 8.50 29.57 55.45
C GLU D 60 9.72 29.99 56.27
N THR D 61 10.84 29.35 56.00
CA THR D 61 12.05 29.63 56.70
C THR D 61 12.75 30.94 56.32
N TYR D 62 12.76 31.24 55.03
CA TYR D 62 13.45 32.41 54.53
C TYR D 62 12.55 33.44 53.87
N PRO D 63 11.69 34.09 54.65
CA PRO D 63 10.72 35.03 54.05
C PRO D 63 11.39 36.02 53.11
N GLU D 64 12.59 36.50 53.44
CA GLU D 64 13.34 37.44 52.58
C GLU D 64 13.79 36.98 51.18
N LYS D 65 13.84 35.67 50.94
CA LYS D 65 14.35 35.15 49.68
C LYS D 65 13.28 34.91 48.61
N ASN D 66 13.74 34.70 47.38
CA ASN D 66 12.85 34.41 46.21
C ASN D 66 12.99 32.94 45.87
N ILE D 67 11.94 32.18 46.15
CA ILE D 67 11.97 30.75 45.96
C ILE D 67 10.95 30.40 44.88
N PHE D 68 11.37 29.58 43.94
CA PHE D 68 10.55 29.27 42.75
C PHE D 68 10.58 27.80 42.44
N ALA D 69 9.40 27.27 42.10
CA ALA D 69 9.31 25.90 41.67
C ALA D 69 8.73 25.98 40.26
N VAL D 70 9.46 25.37 39.31
CA VAL D 70 9.16 25.50 37.88
C VAL D 70 8.96 24.15 37.23
N GLY D 71 8.43 24.19 36.01
CA GLY D 71 8.13 23.00 35.28
C GLY D 71 6.67 23.09 34.92
N THR D 72 6.29 22.35 33.90
CA THR D 72 4.93 22.34 33.43
C THR D 72 4.04 21.56 34.41
N PRO D 73 2.98 22.19 34.85
CA PRO D 73 2.09 21.59 35.82
C PRO D 73 1.46 20.30 35.40
N GLU D 74 1.44 19.27 36.23
CA GLU D 74 0.68 18.06 35.90
C GLU D 74 -0.79 18.14 36.39
N PRO D 75 -1.77 18.03 35.45
CA PRO D 75 -3.23 18.08 35.77
C PRO D 75 -3.69 17.32 37.01
N SER D 76 -3.30 16.05 37.15
CA SER D 76 -3.81 15.24 38.24
C SER D 76 -3.05 15.45 39.56
N LEU D 77 -1.85 15.99 39.50
CA LEU D 77 -1.08 16.33 40.69
C LEU D 77 -1.16 17.81 41.08
N SER D 78 -1.96 18.61 40.37
CA SER D 78 -1.88 20.05 40.60
C SER D 78 -2.74 20.51 41.77
N PHE D 79 -3.51 19.62 42.38
CA PHE D 79 -4.18 20.04 43.61
C PHE D 79 -3.12 20.39 44.69
N LEU D 80 -2.05 19.59 44.73
CA LEU D 80 -0.87 19.73 45.62
C LEU D 80 -0.19 21.13 45.70
N TYR D 81 0.07 21.76 44.53
CA TYR D 81 0.85 22.99 44.54
C TYR D 81 0.77 23.67 43.18
N SER D 82 0.57 24.97 43.15
CA SER D 82 0.73 25.72 41.89
C SER D 82 2.20 26.11 41.63
N LEU D 83 2.62 26.01 40.36
CA LEU D 83 4.00 26.34 39.93
C LEU D 83 4.15 27.78 39.52
N ASP D 84 5.40 28.20 39.34
CA ASP D 84 5.69 29.58 39.01
C ASP D 84 6.14 29.68 37.57
N GLU D 85 5.73 30.73 36.89
CA GLU D 85 6.34 31.02 35.59
C GLU D 85 7.52 31.96 35.90
N VAL D 86 8.67 31.65 35.32
CA VAL D 86 9.90 32.34 35.68
C VAL D 86 10.61 33.01 34.49
N ASP D 87 10.57 34.34 34.52
CA ASP D 87 11.37 35.26 33.68
C ASP D 87 12.82 34.79 33.64
N ASN D 88 13.37 34.74 32.43
CA ASN D 88 14.71 34.18 32.22
C ASN D 88 15.88 34.84 33.02
N GLU D 89 15.72 36.13 33.34
CA GLU D 89 16.71 36.95 34.07
C GLU D 89 16.88 36.44 35.51
N THR D 90 15.81 35.82 36.02
CA THR D 90 15.76 35.33 37.38
C THR D 90 16.83 34.28 37.63
N TYR D 91 17.29 33.60 36.59
CA TYR D 91 18.36 32.59 36.78
C TYR D 91 19.75 33.23 37.04
N GLU D 92 19.87 34.52 36.77
CA GLU D 92 21.12 35.24 36.97
C GLU D 92 21.53 35.25 38.42
N GLY D 93 22.52 34.43 38.76
CA GLY D 93 22.98 34.40 40.12
C GLY D 93 22.18 33.71 41.15
N ALA D 94 21.37 32.81 40.66
CA ALA D 94 20.53 32.05 41.52
C ALA D 94 21.03 30.66 41.71
N LEU D 95 20.67 30.12 42.86
CA LEU D 95 20.92 28.69 43.14
C LEU D 95 19.77 27.88 42.50
N VAL D 96 20.15 26.76 41.83
CA VAL D 96 19.20 25.83 41.27
C VAL D 96 19.30 24.52 41.99
N ILE D 97 18.14 24.00 42.39
CA ILE D 97 18.06 22.70 43.07
C ILE D 97 17.18 21.74 42.27
N VAL D 98 17.73 20.56 41.99
CA VAL D 98 17.05 19.51 41.24
C VAL D 98 16.74 18.32 42.15
N CYS D 99 15.49 17.91 42.14
CA CYS D 99 14.99 16.81 42.92
C CYS D 99 14.51 15.65 42.02
N ASP D 100 14.71 14.43 42.51
CA ASP D 100 14.20 13.18 41.97
C ASP D 100 14.44 12.98 40.50
N THR D 101 15.54 13.46 39.97
CA THR D 101 15.76 13.40 38.52
C THR D 101 17.17 12.83 38.30
N ALA D 102 17.26 11.51 38.02
CA ALA D 102 18.57 10.80 37.94
C ALA D 102 19.50 11.31 36.81
N ASN D 103 18.90 11.77 35.70
CA ASN D 103 19.71 12.24 34.59
C ASN D 103 19.26 13.58 33.92
N GLN D 104 20.28 14.33 33.52
CA GLN D 104 20.17 15.70 33.04
C GLN D 104 19.00 15.88 32.10
N GLU D 105 18.92 15.01 31.08
CA GLU D 105 18.00 15.24 29.96
C GLU D 105 16.56 15.09 30.42
N ARG D 106 16.37 14.24 31.45
CA ARG D 106 15.05 14.14 32.14
C ARG D 106 14.56 15.35 32.99
N ILE D 107 15.40 16.37 33.24
CA ILE D 107 14.89 17.53 34.02
C ILE D 107 13.79 18.30 33.29
N ASP D 108 12.62 18.55 33.93
CA ASP D 108 11.63 19.50 33.35
C ASP D 108 12.19 20.89 33.47
N ASP D 109 12.30 21.56 32.32
CA ASP D 109 12.82 22.91 32.24
C ASP D 109 14.33 22.81 32.16
N GLN D 110 14.91 23.03 30.98
CA GLN D 110 16.36 22.92 30.84
C GLN D 110 17.23 24.12 31.09
N ARG D 111 16.66 25.05 31.83
CA ARG D 111 17.38 26.23 32.24
C ARG D 111 18.12 25.89 33.55
N TYR D 112 17.91 24.68 34.09
CA TYR D 112 18.56 24.29 35.30
C TYR D 112 20.01 24.82 35.38
N PRO D 113 20.84 24.69 34.29
CA PRO D 113 22.29 24.87 34.53
C PRO D 113 22.73 26.32 34.37
N SER D 114 21.79 27.22 34.25
CA SER D 114 22.14 28.58 34.02
C SER D 114 22.23 29.52 35.21
N GLY D 115 22.14 28.97 36.41
CA GLY D 115 22.25 29.76 37.63
C GLY D 115 23.71 29.81 38.06
N ALA D 116 23.98 30.49 39.17
CA ALA D 116 25.34 30.61 39.68
C ALA D 116 25.84 29.27 40.23
N LYS D 117 24.89 28.45 40.67
CA LYS D 117 25.20 27.13 41.23
C LYS D 117 24.04 26.15 41.03
N LEU D 118 24.39 24.87 40.91
CA LEU D 118 23.43 23.79 40.72
C LEU D 118 23.59 22.75 41.82
N MET D 119 22.48 22.35 42.43
CA MET D 119 22.46 21.34 43.48
C MET D 119 21.53 20.19 43.06
N LYS D 120 21.98 18.95 43.23
CA LYS D 120 21.22 17.82 42.85
C LYS D 120 20.91 17.03 44.15
N ILE D 121 19.63 16.70 44.32
CA ILE D 121 19.20 15.92 45.48
C ILE D 121 18.36 14.86 44.85
N ASP D 122 18.79 13.64 45.06
CA ASP D 122 18.07 12.54 44.49
C ASP D 122 18.34 11.21 45.21
N ALA D 123 17.35 10.26 45.01
CA ALA D 123 17.44 8.90 45.58
C ALA D 123 17.75 7.80 44.55
N HIS D 124 17.81 8.13 43.28
CA HIS D 124 18.14 7.16 42.24
C HIS D 124 19.65 6.91 42.17
N PRO D 125 20.14 5.71 41.84
CA PRO D 125 21.62 5.49 41.79
C PRO D 125 22.36 6.60 41.02
N ASN D 126 23.56 6.98 41.48
CA ASN D 126 24.28 8.14 40.91
C ASN D 126 25.03 7.87 39.61
N GLU D 127 24.25 7.48 38.60
CA GLU D 127 24.74 7.12 37.28
C GLU D 127 25.11 8.31 36.40
N ASP D 128 24.37 9.41 36.53
CA ASP D 128 24.69 10.68 35.84
C ASP D 128 25.07 11.75 36.87
N PRO D 129 26.35 11.76 37.33
CA PRO D 129 26.72 12.82 38.28
C PRO D 129 26.44 14.16 37.61
N TYR D 130 25.73 15.01 38.31
CA TYR D 130 25.58 16.40 37.90
C TYR D 130 25.46 17.27 39.15
N GLY D 131 25.79 18.55 38.99
CA GLY D 131 25.69 19.51 40.07
C GLY D 131 27.01 19.99 40.64
N ASP D 132 27.07 21.29 40.90
CA ASP D 132 28.09 21.91 41.79
C ASP D 132 28.03 21.27 43.16
N LEU D 133 26.84 21.10 43.71
CA LEU D 133 26.73 20.22 44.92
C LEU D 133 25.79 19.04 44.71
N LEU D 134 26.11 17.87 45.25
CA LEU D 134 25.13 16.79 45.13
C LEU D 134 24.94 15.90 46.37
N TRP D 135 23.69 15.52 46.57
CA TRP D 135 23.38 14.59 47.64
C TRP D 135 22.50 13.49 47.04
N VAL D 136 23.02 12.25 47.06
CA VAL D 136 22.33 11.11 46.51
C VAL D 136 22.37 9.95 47.54
N ASP D 137 21.17 9.49 47.91
CA ASP D 137 21.08 8.45 48.93
C ASP D 137 20.15 7.35 48.43
N THR D 138 20.74 6.27 47.93
CA THR D 138 19.95 5.24 47.30
C THR D 138 19.23 4.40 48.37
N SER D 139 19.55 4.64 49.64
CA SER D 139 18.92 3.92 50.74
C SER D 139 17.59 4.59 51.14
N ALA D 140 17.34 5.80 50.64
CA ALA D 140 16.13 6.53 50.95
C ALA D 140 14.98 5.97 50.17
N SER D 141 13.76 6.06 50.69
CA SER D 141 12.59 5.58 49.98
C SER D 141 12.26 6.45 48.76
N SER D 142 12.69 7.70 48.79
CA SER D 142 12.15 8.71 47.90
C SER D 142 12.90 10.03 48.15
N VAL D 143 12.84 10.96 47.25
CA VAL D 143 13.44 12.24 47.49
C VAL D 143 12.68 12.95 48.61
N SER D 144 11.38 12.74 48.71
CA SER D 144 10.58 13.30 49.81
C SER D 144 11.10 12.90 51.22
N GLU D 145 11.44 11.61 51.43
CA GLU D 145 12.07 11.19 52.65
C GLU D 145 13.35 12.07 52.83
N MET D 146 14.11 12.25 51.73
CA MET D 146 15.39 12.97 51.81
C MET D 146 15.14 14.41 52.27
N ILE D 147 14.11 15.04 51.72
CA ILE D 147 13.83 16.42 52.13
C ILE D 147 13.49 16.49 53.64
N TYR D 148 12.81 15.45 54.14
CA TYR D 148 12.47 15.46 55.56
C TYR D 148 13.74 15.45 56.39
N GLU D 149 14.67 14.63 55.96
CA GLU D 149 15.94 14.50 56.64
C GLU D 149 16.76 15.79 56.55
N LEU D 150 16.81 16.41 55.37
CA LEU D 150 17.39 17.74 55.30
C LEU D 150 16.79 18.71 56.33
N TYR D 151 15.47 18.73 56.45
CA TYR D 151 14.79 19.58 57.40
C TYR D 151 15.16 19.22 58.83
N LEU D 152 15.34 17.95 59.13
CA LEU D 152 15.71 17.61 60.47
C LEU D 152 17.01 18.36 60.81
N GLU D 153 17.98 18.39 59.92
CA GLU D 153 19.19 19.14 60.14
C GLU D 153 18.97 20.66 60.04
N GLY D 154 18.15 21.10 59.09
CA GLY D 154 17.84 22.52 59.03
C GLY D 154 17.21 23.05 60.32
N LYS D 155 16.78 22.16 61.19
CA LYS D 155 16.18 22.59 62.45
C LYS D 155 17.17 23.35 63.32
N GLU D 156 18.40 22.84 63.39
CA GLU D 156 19.43 23.49 64.19
C GLU D 156 19.84 24.79 63.50
N HIS D 157 19.21 25.09 62.37
CA HIS D 157 19.49 26.30 61.60
C HIS D 157 18.28 27.19 61.55
N GLY D 158 17.19 26.80 62.19
CA GLY D 158 15.98 27.64 62.22
C GLY D 158 14.97 27.41 61.11
N TRP D 159 15.11 26.25 60.46
CA TRP D 159 14.16 25.86 59.39
C TRP D 159 12.84 25.45 60.02
N LYS D 160 11.78 25.83 59.33
CA LYS D 160 10.42 25.61 59.78
C LYS D 160 9.63 24.82 58.76
N LEU D 161 8.88 23.85 59.28
CA LEU D 161 7.99 23.05 58.48
C LEU D 161 6.60 23.49 58.80
N ASN D 162 5.85 23.81 57.77
CA ASN D 162 4.41 24.07 57.97
C ASN D 162 3.50 22.97 57.42
N THR D 163 2.19 23.12 57.59
CA THR D 163 1.21 22.13 57.21
C THR D 163 1.29 21.65 55.79
N LYS D 164 1.27 22.60 54.88
CA LYS D 164 1.43 22.36 53.48
C LYS D 164 2.69 21.59 53.14
N ALA D 165 3.82 21.92 53.77
CA ALA D 165 5.04 21.28 53.42
C ALA D 165 4.98 19.85 53.88
N ALA D 166 4.40 19.65 55.07
CA ALA D 166 4.08 18.32 55.62
C ALA D 166 3.28 17.39 54.67
N GLU D 167 2.15 17.90 54.21
CA GLU D 167 1.30 17.23 53.18
C GLU D 167 2.06 16.88 51.86
N LEU D 168 2.83 17.82 51.34
CA LEU D 168 3.70 17.54 50.16
C LEU D 168 4.63 16.33 50.42
N ILE D 169 5.35 16.39 51.52
CA ILE D 169 6.37 15.39 51.75
C ILE D 169 5.72 14.03 51.98
N TYR D 170 4.59 14.02 52.70
CA TYR D 170 3.93 12.73 53.03
C TYR D 170 3.38 12.17 51.70
N ALA D 171 2.74 13.02 50.88
CA ALA D 171 2.34 12.60 49.51
C ALA D 171 3.47 11.93 48.67
N GLY D 172 4.69 12.48 48.75
CA GLY D 172 5.78 12.07 47.89
C GLY D 172 6.24 10.72 48.42
N ILE D 173 6.27 10.59 49.75
CA ILE D 173 6.64 9.28 50.38
C ILE D 173 5.54 8.23 50.06
N VAL D 174 4.27 8.66 50.11
CA VAL D 174 3.13 7.75 49.80
C VAL D 174 3.18 7.28 48.29
N GLY D 175 3.42 8.24 47.38
CA GLY D 175 3.56 7.91 45.95
C GLY D 175 4.65 6.87 45.69
N ASP D 176 5.84 7.07 46.25
CA ASP D 176 7.02 6.30 45.88
C ASP D 176 7.07 4.95 46.57
N THR D 177 6.35 4.83 47.68
CA THR D 177 6.25 3.55 48.41
C THR D 177 4.97 2.78 48.18
N GLY D 178 4.06 3.35 47.39
CA GLY D 178 2.76 2.71 47.17
C GLY D 178 1.95 2.65 48.45
N ARG D 179 1.93 3.78 49.17
CA ARG D 179 1.48 3.87 50.60
C ARG D 179 2.03 2.76 51.45
N PHE D 180 3.38 2.69 51.55
CA PHE D 180 4.06 1.84 52.54
C PHE D 180 4.02 0.33 52.26
N LEU D 181 3.81 0.02 50.98
CA LEU D 181 3.64 -1.30 50.47
C LEU D 181 4.96 -1.85 49.95
N PHE D 182 5.70 -1.01 49.22
CA PHE D 182 6.87 -1.51 48.50
C PHE D 182 8.07 -1.71 49.41
N PRO D 183 8.96 -2.65 49.03
CA PRO D 183 10.10 -2.88 49.89
C PRO D 183 11.09 -1.69 49.98
N ASN D 184 10.93 -0.61 49.22
CA ASN D 184 11.80 0.54 49.54
C ASN D 184 11.40 1.28 50.86
N THR D 185 10.23 0.96 51.44
CA THR D 185 9.82 1.44 52.78
C THR D 185 10.75 0.91 53.87
N THR D 186 11.32 1.81 54.65
CA THR D 186 12.16 1.36 55.77
C THR D 186 11.63 1.88 57.12
N GLU D 187 12.25 1.36 58.19
CA GLU D 187 12.08 1.91 59.55
C GLU D 187 12.00 3.45 59.53
N LYS D 188 12.87 4.07 58.72
CA LYS D 188 13.01 5.51 58.76
C LYS D 188 11.88 6.17 57.99
N THR D 189 11.49 5.60 56.85
CA THR D 189 10.35 6.13 56.07
C THR D 189 9.12 6.20 56.97
N LEU D 190 8.90 5.12 57.71
CA LEU D 190 7.77 5.05 58.57
C LEU D 190 7.80 6.02 59.79
N LYS D 191 8.96 6.23 60.39
CA LYS D 191 9.09 7.18 61.51
C LYS D 191 8.85 8.60 60.98
N TYR D 192 9.44 8.92 59.83
CA TYR D 192 9.24 10.22 59.23
C TYR D 192 7.80 10.44 58.89
N ALA D 193 7.19 9.41 58.27
CA ALA D 193 5.73 9.45 58.04
C ALA D 193 4.88 9.79 59.32
N GLY D 194 5.18 9.10 60.42
CA GLY D 194 4.60 9.44 61.75
C GLY D 194 4.68 10.93 62.16
N GLU D 195 5.83 11.60 61.94
CA GLU D 195 5.93 12.99 62.36
C GLU D 195 5.19 13.91 61.44
N LEU D 196 5.10 13.53 60.17
CA LEU D 196 4.34 14.34 59.18
C LEU D 196 2.83 14.26 59.39
N ILE D 197 2.37 13.07 59.70
CA ILE D 197 0.91 12.86 59.91
C ILE D 197 0.39 13.63 61.13
N GLN D 198 1.26 13.94 62.08
CA GLN D 198 0.80 14.79 63.19
C GLN D 198 0.35 16.20 62.69
N TYR D 199 0.72 16.61 61.47
CA TYR D 199 0.30 17.94 60.92
C TYR D 199 -1.17 17.92 60.41
N PRO D 200 -1.92 19.03 60.55
CA PRO D 200 -3.38 18.94 60.32
C PRO D 200 -3.77 19.15 58.87
N PHE D 201 -3.19 18.35 58.00
CA PHE D 201 -3.74 18.23 56.66
C PHE D 201 -4.67 17.02 56.73
N SER D 202 -5.62 16.96 55.79
CA SER D 202 -6.49 15.78 55.70
C SER D 202 -5.80 14.67 54.89
N SER D 203 -5.31 13.65 55.55
CA SER D 203 -4.75 12.54 54.81
C SER D 203 -5.85 11.85 53.97
N SER D 204 -7.10 11.94 54.44
CA SER D 204 -8.24 11.40 53.67
C SER D 204 -8.41 12.09 52.33
N GLU D 205 -8.48 13.42 52.35
CA GLU D 205 -8.63 14.20 51.14
C GLU D 205 -7.44 13.99 50.23
N LEU D 206 -6.27 13.81 50.82
CA LEU D 206 -5.04 13.59 50.04
C LEU D 206 -5.12 12.30 49.23
N PHE D 207 -5.31 11.16 49.92
CA PHE D 207 -5.51 9.87 49.23
C PHE D 207 -6.69 9.94 48.23
N ASN D 208 -7.78 10.59 48.61
CA ASN D 208 -8.87 10.71 47.64
C ASN D 208 -8.32 11.24 46.31
N GLN D 209 -7.48 12.25 46.38
CA GLN D 209 -6.99 12.83 45.14
C GLN D 209 -5.88 12.01 44.50
N LEU D 210 -5.00 11.44 45.31
CA LEU D 210 -3.95 10.54 44.78
C LEU D 210 -4.56 9.42 43.95
N TYR D 211 -5.67 8.85 44.43
CA TYR D 211 -6.19 7.61 43.89
C TYR D 211 -7.35 7.73 42.92
N GLU D 212 -7.81 8.95 42.72
CA GLU D 212 -8.95 9.19 41.92
C GLU D 212 -8.78 8.61 40.52
N THR D 213 -9.79 7.88 40.06
CA THR D 213 -9.65 7.10 38.84
C THR D 213 -10.92 7.30 38.04
N LYS D 214 -10.77 7.79 36.81
CA LYS D 214 -11.90 8.09 35.94
C LYS D 214 -12.87 6.93 35.82
N LEU D 215 -14.17 7.24 35.76
CA LEU D 215 -15.18 6.18 35.63
C LEU D 215 -15.00 5.24 34.44
N ASN D 216 -14.74 5.80 33.26
CA ASN D 216 -14.54 4.98 32.07
C ASN D 216 -13.44 3.95 32.35
N VAL D 217 -12.34 4.43 32.92
CA VAL D 217 -11.16 3.59 33.27
C VAL D 217 -11.54 2.50 34.30
N VAL D 218 -12.31 2.86 35.31
CA VAL D 218 -12.81 1.86 36.27
C VAL D 218 -13.71 0.79 35.62
N LYS D 219 -14.57 1.19 34.68
CA LYS D 219 -15.37 0.16 33.90
C LYS D 219 -14.48 -0.85 33.09
N LEU D 220 -13.43 -0.32 32.45
CA LEU D 220 -12.44 -1.15 31.72
C LEU D 220 -11.77 -2.11 32.66
N ASN D 221 -11.38 -1.63 33.84
CA ASN D 221 -10.81 -2.54 34.87
C ASN D 221 -11.82 -3.62 35.25
N GLY D 222 -13.11 -3.25 35.29
CA GLY D 222 -14.20 -4.27 35.45
C GLY D 222 -14.27 -5.32 34.33
N PHE D 223 -14.26 -4.85 33.08
CA PHE D 223 -14.14 -5.76 31.92
C PHE D 223 -12.94 -6.69 32.11
N ILE D 224 -11.75 -6.12 32.40
CA ILE D 224 -10.56 -6.96 32.62
C ILE D 224 -10.72 -8.00 33.71
N PHE D 225 -11.22 -7.59 34.87
CA PHE D 225 -11.43 -8.57 35.94
C PHE D 225 -12.42 -9.70 35.54
N GLN D 226 -13.51 -9.30 34.89
CA GLN D 226 -14.50 -10.30 34.37
C GLN D 226 -13.92 -11.30 33.34
N ASN D 227 -12.95 -10.83 32.57
CA ASN D 227 -12.47 -11.57 31.43
C ASN D 227 -11.10 -12.17 31.54
N VAL D 228 -10.58 -12.29 32.73
CA VAL D 228 -9.27 -12.89 32.82
C VAL D 228 -9.34 -14.40 32.92
N SER D 229 -8.58 -15.07 32.05
CA SER D 229 -8.49 -16.53 32.11
C SER D 229 -7.27 -16.91 32.88
N LEU D 230 -7.40 -17.85 33.82
CA LEU D 230 -6.29 -18.28 34.61
C LEU D 230 -6.17 -19.81 34.52
N SER D 231 -4.99 -20.34 34.19
CA SER D 231 -4.77 -21.80 34.02
C SER D 231 -4.53 -22.53 35.34
N GLU D 232 -4.55 -23.88 35.34
CA GLU D 232 -4.20 -24.63 36.54
C GLU D 232 -2.79 -24.25 36.98
N ASN D 233 -1.94 -23.81 36.06
CA ASN D 233 -0.53 -23.52 36.35
C ASN D 233 -0.18 -22.10 36.72
N GLY D 234 -1.18 -21.28 36.99
CA GLY D 234 -0.93 -19.89 37.34
C GLY D 234 -0.81 -18.86 36.21
N ALA D 235 -0.80 -19.28 34.94
CA ALA D 235 -0.71 -18.30 33.84
C ALA D 235 -2.06 -17.64 33.54
N ALA D 236 -2.07 -16.33 33.43
CA ALA D 236 -3.33 -15.68 33.17
C ALA D 236 -3.22 -14.83 31.91
N SER D 237 -4.35 -14.45 31.31
CA SER D 237 -4.28 -13.58 30.13
C SER D 237 -5.56 -12.81 29.98
N VAL D 238 -5.43 -11.69 29.29
CA VAL D 238 -6.59 -10.83 29.06
C VAL D 238 -6.36 -10.17 27.70
N PHE D 239 -7.40 -10.23 26.84
CA PHE D 239 -7.37 -9.56 25.56
C PHE D 239 -8.26 -8.31 25.64
N ILE D 240 -7.73 -7.17 25.20
CA ILE D 240 -8.46 -5.87 25.19
C ILE D 240 -8.45 -5.35 23.72
N LYS D 241 -9.53 -5.61 23.01
CA LYS D 241 -9.54 -5.35 21.58
C LYS D 241 -10.12 -3.97 21.41
N LYS D 242 -10.06 -3.44 20.20
CA LYS D 242 -10.61 -2.12 19.88
C LYS D 242 -12.08 -1.90 20.21
N ASP D 243 -12.95 -2.86 19.93
CA ASP D 243 -14.36 -2.64 20.24
C ASP D 243 -14.55 -2.43 21.77
N THR D 244 -13.80 -3.17 22.59
CA THR D 244 -13.81 -2.97 24.05
C THR D 244 -13.30 -1.60 24.41
N LEU D 245 -12.13 -1.22 23.89
CA LEU D 245 -11.60 0.10 24.10
C LEU D 245 -12.55 1.18 23.61
N GLU D 246 -13.15 1.00 22.43
CA GLU D 246 -14.03 2.08 21.90
C GLU D 246 -15.31 2.22 22.71
N LYS D 247 -15.82 1.10 23.20
CA LYS D 247 -17.02 1.02 24.00
C LYS D 247 -16.90 1.78 25.32
N PHE D 248 -15.74 1.68 25.95
CA PHE D 248 -15.51 2.30 27.24
C PHE D 248 -15.01 3.68 27.13
N GLY D 249 -14.58 4.04 25.95
CA GLY D 249 -14.10 5.38 25.66
C GLY D 249 -12.69 5.65 26.17
N THR D 250 -11.89 4.60 26.30
CA THR D 250 -10.54 4.69 26.90
C THR D 250 -9.40 4.39 25.93
N THR D 251 -8.18 4.85 26.24
CA THR D 251 -7.06 4.73 25.32
C THR D 251 -6.33 3.41 25.56
N ALA D 252 -5.53 3.00 24.58
CA ALA D 252 -4.75 1.78 24.70
C ALA D 252 -3.81 1.99 25.87
N SER D 253 -3.33 3.23 26.02
CA SER D 253 -2.45 3.57 27.12
C SER D 253 -3.18 3.22 28.41
N GLU D 254 -4.31 3.88 28.64
CA GLU D 254 -5.11 3.59 29.81
C GLU D 254 -5.26 2.08 30.08
N ALA D 255 -5.45 1.26 29.05
CA ALA D 255 -5.56 -0.20 29.28
C ALA D 255 -4.26 -0.82 29.78
N SER D 256 -3.17 -0.42 29.12
CA SER D 256 -1.80 -0.83 29.49
C SER D 256 -1.44 -0.65 30.95
N GLN D 257 -1.83 0.50 31.50
CA GLN D 257 -1.56 0.80 32.90
C GLN D 257 -2.39 -0.02 33.90
N LEU D 258 -3.27 -0.89 33.42
CA LEU D 258 -4.08 -1.69 34.34
C LEU D 258 -3.47 -3.04 34.49
N VAL D 259 -2.35 -3.27 33.78
CA VAL D 259 -1.76 -4.60 33.76
C VAL D 259 -1.37 -5.13 35.16
N GLY D 260 -1.02 -4.21 36.06
CA GLY D 260 -0.69 -4.61 37.43
C GLY D 260 -1.89 -5.05 38.29
N THR D 261 -3.10 -4.53 38.00
CA THR D 261 -4.30 -4.78 38.82
C THR D 261 -4.63 -6.26 39.11
N LEU D 262 -3.97 -7.18 38.40
CA LEU D 262 -4.22 -8.63 38.52
C LEU D 262 -3.44 -9.38 39.59
N GLY D 263 -2.51 -8.69 40.26
CA GLY D 263 -1.52 -9.41 41.11
C GLY D 263 -2.00 -9.96 42.45
N ASN D 264 -3.22 -9.61 42.83
CA ASN D 264 -3.85 -10.25 44.01
C ASN D 264 -4.80 -11.39 43.74
N ILE D 265 -4.81 -11.90 42.49
CA ILE D 265 -5.63 -13.05 42.13
C ILE D 265 -5.00 -14.32 42.68
N SER D 266 -5.79 -15.05 43.45
CA SER D 266 -5.36 -16.24 44.09
C SER D 266 -4.82 -17.24 43.07
N GLY D 267 -3.60 -17.69 43.28
CA GLY D 267 -3.00 -18.70 42.43
C GLY D 267 -2.30 -18.19 41.16
N ILE D 268 -2.48 -16.91 40.83
CA ILE D 268 -1.71 -16.24 39.75
C ILE D 268 -0.18 -16.22 39.91
N ARG D 269 0.53 -16.56 38.84
CA ARG D 269 1.98 -16.59 38.86
C ARG D 269 2.50 -15.63 37.83
N ALA D 270 2.10 -15.81 36.56
CA ALA D 270 2.40 -14.80 35.54
C ALA D 270 1.27 -14.53 34.54
N TRP D 271 1.33 -13.38 33.88
CA TRP D 271 0.19 -13.02 33.06
C TRP D 271 0.56 -12.14 31.89
N VAL D 272 -0.35 -12.00 30.91
CA VAL D 272 -0.11 -11.20 29.69
C VAL D 272 -1.38 -10.36 29.36
N PHE D 273 -1.17 -9.09 29.01
CA PHE D 273 -2.24 -8.30 28.44
C PHE D 273 -1.93 -8.12 26.94
N PHE D 274 -2.93 -8.38 26.08
CA PHE D 274 -2.84 -8.01 24.66
C PHE D 274 -3.75 -6.84 24.46
N VAL D 275 -3.19 -5.76 23.94
CA VAL D 275 -3.97 -4.54 23.75
C VAL D 275 -3.90 -4.17 22.26
N GLU D 276 -5.04 -4.26 21.57
CA GLU D 276 -5.07 -3.99 20.13
C GLU D 276 -4.98 -2.48 19.88
N GLU D 277 -3.88 -1.99 19.33
CA GLU D 277 -3.74 -0.55 18.97
C GLU D 277 -3.87 -0.37 17.47
N ASP D 278 -3.75 0.87 16.98
CA ASP D 278 -3.82 1.16 15.55
C ASP D 278 -2.83 0.36 14.66
N ASP D 279 -1.56 0.30 15.07
CA ASP D 279 -0.49 -0.30 14.27
C ASP D 279 0.11 -1.57 14.87
N GLN D 280 -0.41 -1.99 16.00
CA GLN D 280 0.20 -3.20 16.52
C GLN D 280 -0.74 -3.67 17.55
N ILE D 281 -0.53 -4.90 17.98
CA ILE D 281 -1.06 -5.41 19.24
C ILE D 281 0.10 -5.32 20.29
N ARG D 282 -0.13 -4.59 21.35
CA ARG D 282 0.80 -4.41 22.44
C ARG D 282 0.77 -5.61 23.40
N VAL D 283 1.90 -6.26 23.62
CA VAL D 283 1.92 -7.33 24.60
C VAL D 283 2.59 -6.76 25.95
N ARG D 284 1.99 -7.06 27.11
CA ARG D 284 2.61 -6.70 28.41
C ARG D 284 2.65 -7.96 29.24
N PHE D 285 3.82 -8.24 29.80
CA PHE D 285 4.10 -9.48 30.57
C PHE D 285 4.39 -9.05 32.00
N ARG D 286 3.82 -9.74 32.98
CA ARG D 286 4.04 -9.43 34.40
C ARG D 286 4.15 -10.73 35.18
N SER D 287 5.14 -10.85 36.06
CA SER D 287 5.29 -12.05 36.80
C SER D 287 5.45 -11.76 38.29
N LYS D 288 5.02 -12.71 39.11
CA LYS D 288 5.16 -12.65 40.55
C LYS D 288 5.99 -13.86 40.97
N GLY D 289 6.60 -14.53 39.99
CA GLY D 289 7.41 -15.71 40.22
C GLY D 289 8.43 -16.00 39.13
N PRO D 290 7.97 -16.56 38.02
CA PRO D 290 8.86 -16.91 36.91
C PRO D 290 9.31 -15.72 36.05
N VAL D 291 10.54 -15.80 35.57
CA VAL D 291 11.17 -14.82 34.70
C VAL D 291 10.47 -14.85 33.34
N ILE D 292 9.95 -13.72 32.90
CA ILE D 292 9.25 -13.68 31.61
C ILE D 292 9.94 -12.77 30.55
N ASN D 293 11.15 -12.25 30.83
CA ASN D 293 11.76 -11.36 29.84
C ASN D 293 12.36 -12.17 28.69
N GLY D 294 12.70 -13.44 28.96
CA GLY D 294 13.16 -14.32 27.92
C GLY D 294 12.04 -14.64 26.93
N LEU D 295 10.84 -14.84 27.46
CA LEU D 295 9.66 -15.03 26.65
C LEU D 295 9.42 -13.78 25.80
N ALA D 296 9.53 -12.63 26.42
CA ALA D 296 9.34 -11.35 25.71
C ALA D 296 10.35 -11.20 24.54
N ARG D 297 11.56 -11.69 24.76
CA ARG D 297 12.62 -11.61 23.77
C ARG D 297 12.39 -12.57 22.65
N LYS D 298 11.72 -13.66 22.95
CA LYS D 298 11.42 -14.66 21.96
C LYS D 298 10.51 -14.04 20.89
N TYR D 299 9.74 -12.99 21.28
CA TYR D 299 8.83 -12.25 20.40
C TYR D 299 9.36 -10.85 20.11
N ASN D 300 10.70 -10.75 20.11
CA ASN D 300 11.40 -9.51 19.74
C ASN D 300 11.16 -8.25 20.57
N GLY D 301 10.73 -8.44 21.84
CA GLY D 301 10.55 -7.32 22.75
C GLY D 301 11.63 -7.48 23.80
N GLY D 302 11.34 -7.07 25.03
CA GLY D 302 12.18 -7.41 26.18
C GLY D 302 11.77 -6.57 27.37
N GLY D 303 12.73 -6.33 28.29
CA GLY D 303 12.55 -5.54 29.49
C GLY D 303 13.03 -6.30 30.75
N HIS D 304 12.46 -5.93 31.89
CA HIS D 304 12.83 -6.58 33.17
C HIS D 304 12.41 -8.03 33.38
N PRO D 305 13.10 -8.72 34.30
CA PRO D 305 12.69 -10.12 34.47
C PRO D 305 11.21 -10.34 34.85
N LEU D 306 10.58 -9.41 35.57
CA LEU D 306 9.22 -9.65 35.99
C LEU D 306 8.25 -8.62 35.37
N ALA D 307 8.76 -7.83 34.44
CA ALA D 307 7.96 -6.80 33.78
C ALA D 307 8.53 -6.51 32.38
N SER D 308 7.98 -7.17 31.36
CA SER D 308 8.50 -7.01 29.96
C SER D 308 7.39 -6.76 28.93
N GLY D 309 7.77 -6.33 27.71
CA GLY D 309 6.73 -6.17 26.69
C GLY D 309 7.20 -6.41 25.27
N ALA D 310 6.26 -6.53 24.33
CA ALA D 310 6.59 -6.83 22.93
C ALA D 310 5.48 -6.25 22.10
N SER D 311 5.61 -6.37 20.76
CA SER D 311 4.62 -5.96 19.78
C SER D 311 4.45 -7.13 18.80
N ILE D 312 3.21 -7.59 18.60
CA ILE D 312 2.90 -8.62 17.60
C ILE D 312 1.82 -8.14 16.66
N TYR D 313 1.52 -8.89 15.58
CA TYR D 313 0.71 -8.34 14.48
C TYR D 313 -0.46 -9.21 14.04
N SER D 314 -0.67 -10.35 14.71
CA SER D 314 -1.88 -11.13 14.54
C SER D 314 -2.33 -11.91 15.79
N TRP D 315 -3.60 -12.33 15.75
CA TRP D 315 -4.20 -13.05 16.85
C TRP D 315 -3.60 -14.44 16.95
N ASP D 316 -3.20 -15.02 15.84
CA ASP D 316 -2.47 -16.30 15.93
C ASP D 316 -1.13 -16.23 16.70
N GLU D 317 -0.37 -15.15 16.52
CA GLU D 317 0.85 -14.93 17.34
C GLU D 317 0.52 -14.82 18.84
N ALA D 318 -0.57 -14.13 19.19
CA ALA D 318 -1.05 -14.01 20.58
C ALA D 318 -1.26 -15.37 21.14
N ASP D 319 -1.88 -16.27 20.36
CA ASP D 319 -2.02 -17.64 20.80
C ASP D 319 -0.72 -18.39 21.11
N ARG D 320 0.31 -18.19 20.32
CA ARG D 320 1.58 -18.85 20.54
C ARG D 320 2.24 -18.40 21.85
N ILE D 321 2.04 -17.13 22.13
CA ILE D 321 2.56 -16.47 23.34
C ILE D 321 1.93 -17.15 24.58
N LEU D 322 0.61 -17.37 24.56
CA LEU D 322 -0.10 -18.10 25.61
C LEU D 322 0.36 -19.53 25.82
N ALA D 323 0.53 -20.29 24.73
CA ALA D 323 1.05 -21.64 24.89
C ALA D 323 2.42 -21.56 25.55
N ASP D 324 3.24 -20.57 25.14
CA ASP D 324 4.58 -20.37 25.70
C ASP D 324 4.52 -19.91 27.17
N LEU D 325 3.64 -18.95 27.45
CA LEU D 325 3.39 -18.53 28.84
C LEU D 325 2.93 -19.68 29.73
N GLU D 326 2.00 -20.47 29.22
CA GLU D 326 1.53 -21.66 29.93
C GLU D 326 2.69 -22.60 30.26
N THR D 327 3.52 -22.89 29.25
CA THR D 327 4.67 -23.81 29.34
C THR D 327 5.66 -23.32 30.37
N LEU D 328 5.93 -22.03 30.31
CA LEU D 328 6.79 -21.35 31.25
C LEU D 328 6.29 -21.47 32.69
N CYS D 329 4.99 -21.37 32.90
CA CYS D 329 4.49 -21.46 34.23
C CYS D 329 4.53 -22.87 34.72
N LYS D 330 4.19 -23.79 33.83
CA LYS D 330 4.18 -25.19 34.11
C LYS D 330 5.60 -25.62 34.43
N GLU D 331 6.56 -24.87 33.91
CA GLU D 331 7.97 -25.16 34.14
C GLU D 331 8.31 -26.59 33.73
MN MN E . 24.55 6.18 18.13
MN MN F . 23.84 3.32 15.77
P PO4 G . 25.56 3.76 20.07
O1 PO4 G . 24.46 4.64 19.52
O2 PO4 G . 26.44 4.57 21.00
O3 PO4 G . 26.39 3.22 18.93
O4 PO4 G . 24.94 2.61 20.83
MN MN H . -4.69 1.40 -38.12
MN MN I . -6.61 1.20 -41.30
P PO4 J . -4.89 -1.58 -41.70
O1 PO4 J . -5.70 -2.37 -42.71
O2 PO4 J . -5.13 -0.11 -41.90
O3 PO4 J . -5.31 -1.98 -40.31
O4 PO4 J . -3.43 -1.89 -41.89
MN MN K . -20.19 -9.47 -10.29
MN MN L . -21.20 -13.08 -10.36
P PO4 M . -24.41 -11.82 -11.14
O1 PO4 M . -24.23 -11.87 -12.65
O2 PO4 M . -25.38 -12.90 -10.72
O3 PO4 M . -24.96 -10.47 -10.75
O4 PO4 M . -23.08 -12.05 -10.47
MN MN N . 11.29 9.41 43.84
MN MN O . 9.57 10.61 40.54
P PO4 P . 10.63 7.61 39.50
O1 PO4 P . 9.83 7.67 38.23
O2 PO4 P . 10.86 9.01 40.02
O3 PO4 P . 9.88 6.81 40.54
O4 PO4 P . 11.97 6.95 39.23
#